data_6GJT
#
_entry.id   6GJT
#
_cell.length_a   85.410
_cell.length_b   108.250
_cell.length_c   207.000
_cell.angle_alpha   90.00
_cell.angle_beta   90.00
_cell.angle_gamma   90.00
#
_symmetry.space_group_name_H-M   'P 21 21 21'
#
loop_
_entity.id
_entity.type
_entity.pdbx_description
1 polymer 'Virulence plasmid protein pGP3-D'
2 non-polymer 'BROMIDE ION'
3 non-polymer 'POTASSIUM ION'
4 water water
#
_entity_poly.entity_id   1
_entity_poly.type   'polypeptide(L)'
_entity_poly.pdbx_seq_one_letter_code
;MGNSGFYLYNTQNCVFADNIKVGQMTEPLKDQQIILGTTSTPVAAKMTASDGISLTVSNNPSTNASITIGLDAEKAYQLI
LEKLGDQILQGIADTIVDSTVQDILDKITTDPSLGLLKAFNNFPITNKIQCNGLFTPRNIETLLGGTEIGKFTVTPKSSG
SMFLVSADIIASRMEGGVVLALVREGDSKPYAISYGYSSGVPNLCSLRTRIINTGLTPTTYSLRVGGLESGVVWVNALSN
GNDILGITNTSNVSFLEVIPQTNA
;
_entity_poly.pdbx_strand_id   A,B,C,D,E,F
#
# COMPACT_ATOMS: atom_id res chain seq x y z
N GLY A 2 -27.77 -77.09 42.06
CA GLY A 2 -28.13 -78.46 41.60
C GLY A 2 -29.57 -78.63 41.09
N ASN A 3 -30.05 -77.70 40.28
CA ASN A 3 -31.33 -77.87 39.54
C ASN A 3 -31.27 -77.13 38.18
N SER A 4 -31.90 -77.69 37.15
CA SER A 4 -31.86 -77.11 35.80
C SER A 4 -33.04 -77.61 34.97
N GLY A 5 -33.32 -76.91 33.87
CA GLY A 5 -34.44 -77.22 33.03
C GLY A 5 -35.06 -76.03 32.33
N PHE A 6 -36.38 -76.03 32.25
CA PHE A 6 -37.14 -74.93 31.73
C PHE A 6 -38.27 -74.59 32.70
N TYR A 7 -38.70 -73.33 32.70
CA TYR A 7 -39.78 -72.91 33.59
C TYR A 7 -40.43 -71.62 33.09
N LEU A 8 -41.63 -71.36 33.60
CA LEU A 8 -42.38 -70.16 33.26
C LEU A 8 -42.12 -69.07 34.30
N TYR A 9 -41.76 -67.88 33.82
CA TYR A 9 -41.70 -66.67 34.64
C TYR A 9 -42.74 -65.74 34.05
N ASN A 10 -43.75 -65.37 34.86
CA ASN A 10 -45.06 -64.88 34.38
C ASN A 10 -45.47 -65.55 33.05
N THR A 11 -45.13 -64.90 31.93
CA THR A 11 -45.51 -65.32 30.60
C THR A 11 -44.30 -65.69 29.70
N GLN A 12 -43.08 -65.76 30.24
CA GLN A 12 -41.88 -66.18 29.45
C GLN A 12 -41.46 -67.63 29.78
N ASN A 13 -41.27 -68.45 28.76
CA ASN A 13 -40.72 -69.81 28.92
C ASN A 13 -39.18 -69.77 28.87
N CYS A 14 -38.56 -69.98 30.02
CA CYS A 14 -37.14 -69.71 30.20
C CYS A 14 -36.33 -70.97 30.48
N VAL A 15 -35.13 -71.04 29.89
CA VAL A 15 -34.13 -72.03 30.32
C VAL A 15 -33.49 -71.56 31.62
N PHE A 16 -33.19 -72.48 32.51
CA PHE A 16 -32.46 -72.15 33.73
C PHE A 16 -31.50 -73.26 34.11
N ALA A 17 -30.44 -72.89 34.84
CA ALA A 17 -29.36 -73.75 35.27
C ALA A 17 -28.39 -72.99 36.19
N ASP A 18 -27.45 -73.69 36.78
CA ASP A 18 -26.42 -73.07 37.60
C ASP A 18 -25.38 -72.36 36.78
N ASN A 19 -25.07 -72.86 35.58
CA ASN A 19 -24.09 -72.18 34.71
C ASN A 19 -24.35 -72.18 33.20
N THR A 100 4.77 -17.52 20.30
CA THR A 100 5.69 -17.00 21.30
C THR A 100 6.65 -15.95 20.72
N VAL A 101 7.07 -16.13 19.47
CA VAL A 101 7.86 -15.14 18.74
C VAL A 101 6.99 -13.90 18.55
N GLN A 102 5.84 -14.06 17.90
CA GLN A 102 4.85 -12.99 17.79
C GLN A 102 4.51 -12.33 19.13
N ASP A 103 4.53 -13.10 20.21
CA ASP A 103 4.14 -12.55 21.49
C ASP A 103 5.20 -11.60 22.02
N ILE A 104 6.47 -11.86 21.71
CA ILE A 104 7.57 -10.96 22.06
C ILE A 104 7.48 -9.75 21.12
N LEU A 105 7.35 -10.02 19.84
CA LEU A 105 7.29 -9.03 18.82
C LEU A 105 6.27 -7.94 19.12
N ASP A 106 5.08 -8.32 19.56
CA ASP A 106 4.08 -7.32 19.97
C ASP A 106 4.48 -6.56 21.23
N LYS A 107 5.11 -7.25 22.18
CA LYS A 107 5.64 -6.58 23.36
C LYS A 107 6.68 -5.54 22.94
N ILE A 108 7.69 -5.99 22.20
CA ILE A 108 8.83 -5.15 21.82
C ILE A 108 8.43 -3.89 21.06
N THR A 109 7.47 -4.03 20.16
CA THR A 109 7.03 -2.93 19.31
C THR A 109 5.97 -2.07 19.95
N THR A 110 5.58 -2.36 21.19
CA THR A 110 4.51 -1.58 21.82
C THR A 110 4.69 -1.34 23.31
N ASP A 111 5.66 -1.99 23.95
CA ASP A 111 5.91 -1.80 25.38
C ASP A 111 6.88 -0.64 25.56
N PRO A 112 6.38 0.45 26.08
CA PRO A 112 7.26 1.61 26.28
C PRO A 112 8.31 1.53 27.41
N SER A 113 8.15 0.55 28.29
CA SER A 113 8.95 0.49 29.50
C SER A 113 10.27 -0.26 29.23
N LEU A 114 10.31 -1.01 28.14
CA LEU A 114 11.48 -1.71 27.72
C LEU A 114 12.26 -0.58 27.12
N GLY A 115 13.51 -0.45 27.49
CA GLY A 115 14.21 0.62 26.79
C GLY A 115 14.50 0.24 25.34
N LEU A 116 13.98 -0.84 24.79
CA LEU A 116 14.22 -1.08 23.39
C LEU A 116 13.27 -0.13 22.72
N LEU A 117 13.59 0.05 21.48
CA LEU A 117 12.83 0.91 20.59
C LEU A 117 12.53 2.46 20.72
N LYS A 118 12.86 3.09 19.60
CA LYS A 118 13.25 4.50 19.58
C LYS A 118 12.70 5.20 18.38
N ALA A 119 11.92 6.24 18.60
CA ALA A 119 11.43 7.03 17.48
C ALA A 119 12.60 7.79 16.80
N PHE A 120 12.50 7.93 15.48
CA PHE A 120 13.28 8.92 14.72
C PHE A 120 12.38 9.66 13.78
N ASN A 121 12.57 10.94 13.68
CA ASN A 121 11.84 11.75 12.73
C ASN A 121 12.78 12.77 12.14
N ASN A 122 12.69 12.99 10.84
CA ASN A 122 13.43 14.06 10.21
C ASN A 122 12.48 14.94 9.47
N PHE A 123 12.67 16.26 9.58
CA PHE A 123 11.78 17.22 9.02
C PHE A 123 12.55 18.12 8.07
N PRO A 124 12.29 17.98 6.76
CA PRO A 124 13.04 18.85 5.83
C PRO A 124 12.37 20.18 5.78
N ILE A 125 13.16 21.23 5.60
CA ILE A 125 12.66 22.55 5.38
C ILE A 125 13.31 23.05 4.07
N THR A 126 12.53 23.19 3.01
CA THR A 126 13.07 23.54 1.66
C THR A 126 12.67 24.90 1.13
N ASN A 127 11.71 25.53 1.80
CA ASN A 127 11.28 26.84 1.41
C ASN A 127 12.26 27.93 1.81
N LYS A 128 12.27 29.02 1.06
CA LYS A 128 13.11 30.15 1.30
C LYS A 128 12.33 31.00 2.21
N ILE A 129 12.88 31.34 3.39
CA ILE A 129 12.13 32.12 4.36
C ILE A 129 12.92 33.35 4.72
N GLN A 130 12.27 34.51 4.57
CA GLN A 130 12.89 35.73 4.93
C GLN A 130 12.65 35.91 6.41
N CYS A 131 13.72 35.91 7.23
CA CYS A 131 13.59 36.04 8.68
C CYS A 131 13.88 37.49 9.08
N ASN A 132 12.82 38.29 9.20
CA ASN A 132 12.92 39.71 9.56
C ASN A 132 12.91 39.88 11.07
N GLY A 133 12.41 38.90 11.81
CA GLY A 133 12.33 39.01 13.26
C GLY A 133 13.74 38.94 13.79
N LEU A 134 14.05 39.86 14.70
CA LEU A 134 15.39 39.92 15.30
C LEU A 134 15.36 39.16 16.63
N PHE A 135 16.52 38.73 17.08
CA PHE A 135 16.67 38.38 18.46
C PHE A 135 17.43 39.47 19.20
N THR A 136 16.87 39.91 20.34
CA THR A 136 17.44 40.96 21.14
C THR A 136 17.29 40.61 22.60
N PRO A 137 17.98 41.38 23.47
CA PRO A 137 17.86 41.00 24.91
C PRO A 137 16.40 41.13 25.42
N ARG A 138 15.63 42.01 24.79
CA ARG A 138 14.25 42.22 25.18
C ARG A 138 13.31 41.13 24.72
N ASN A 139 13.64 40.36 23.68
CA ASN A 139 12.73 39.31 23.26
C ASN A 139 13.29 37.92 23.36
N ILE A 140 14.54 37.79 23.78
CA ILE A 140 15.14 36.46 23.78
C ILE A 140 14.44 35.47 24.72
N GLU A 141 13.90 35.97 25.83
CA GLU A 141 13.13 35.17 26.76
C GLU A 141 11.60 35.34 26.61
N THR A 142 11.12 35.52 25.38
CA THR A 142 9.70 35.49 25.06
C THR A 142 9.48 34.53 23.87
N LEU A 143 8.27 34.56 23.28
CA LEU A 143 7.95 33.79 22.08
C LEU A 143 8.08 34.59 20.80
N LEU A 144 8.51 35.84 20.90
CA LEU A 144 8.42 36.75 19.79
C LEU A 144 9.74 36.95 19.07
N GLY A 145 10.82 36.31 19.55
CA GLY A 145 12.11 36.51 18.89
C GLY A 145 12.13 35.84 17.52
N GLY A 146 12.76 36.45 16.53
CA GLY A 146 13.01 35.80 15.25
C GLY A 146 11.72 35.43 14.52
N THR A 147 11.81 34.52 13.58
CA THR A 147 10.72 34.16 12.65
C THR A 147 10.62 32.67 12.65
N GLU A 148 9.41 32.15 12.72
CA GLU A 148 9.20 30.71 12.69
C GLU A 148 9.50 30.14 11.32
N ILE A 149 10.29 29.09 11.26
CA ILE A 149 10.64 28.47 10.01
C ILE A 149 10.18 27.03 9.94
N GLY A 150 9.66 26.51 11.03
CA GLY A 150 9.18 25.13 10.97
C GLY A 150 8.56 24.77 12.30
N LYS A 151 7.68 23.80 12.21
CA LYS A 151 6.91 23.33 13.35
C LYS A 151 6.95 21.82 13.23
N PHE A 152 7.19 21.11 14.30
CA PHE A 152 7.41 19.65 14.26
C PHE A 152 6.71 18.95 15.41
N THR A 153 6.04 17.84 15.08
CA THR A 153 5.38 17.05 16.08
C THR A 153 6.00 15.68 16.21
N VAL A 154 6.38 15.32 17.41
CA VAL A 154 7.05 14.07 17.63
C VAL A 154 6.50 13.32 18.83
N THR A 155 6.65 12.01 18.76
CA THR A 155 6.11 11.10 19.74
C THR A 155 7.14 10.11 20.22
N PRO A 156 7.45 10.15 21.52
CA PRO A 156 8.31 9.13 22.09
C PRO A 156 7.66 7.73 22.06
N LYS A 157 8.47 6.70 21.89
CA LYS A 157 8.01 5.32 21.99
C LYS A 157 8.41 4.64 23.28
N SER A 158 9.27 5.26 24.08
CA SER A 158 9.68 4.73 25.36
C SER A 158 9.52 5.80 26.45
N SER A 159 9.34 5.32 27.68
CA SER A 159 9.16 6.17 28.87
C SER A 159 10.52 6.58 29.41
N GLY A 160 10.57 7.81 29.97
CA GLY A 160 11.77 8.36 30.54
C GLY A 160 12.85 8.57 29.49
N SER A 161 12.45 8.91 28.27
CA SER A 161 13.40 9.05 27.18
C SER A 161 13.67 10.54 26.92
N MET A 162 14.59 10.76 26.00
CA MET A 162 14.91 12.06 25.54
C MET A 162 14.85 12.05 24.04
N PHE A 163 14.81 13.21 23.41
CA PHE A 163 15.12 13.32 21.97
C PHE A 163 16.41 14.11 21.80
N LEU A 164 17.33 13.54 21.04
CA LEU A 164 18.55 14.23 20.67
C LEU A 164 18.18 14.99 19.43
N VAL A 165 18.33 16.29 19.44
CA VAL A 165 17.80 17.18 18.39
C VAL A 165 18.92 17.80 17.67
N SER A 166 18.86 17.76 16.33
CA SER A 166 19.78 18.44 15.49
C SER A 166 19.11 19.31 14.45
N ALA A 167 19.28 20.60 14.54
CA ALA A 167 18.72 21.49 13.52
C ALA A 167 19.87 22.05 12.70
N ASP A 168 19.87 21.78 11.40
CA ASP A 168 20.92 22.18 10.47
C ASP A 168 20.30 23.01 9.34
N ILE A 169 20.41 24.32 9.53
CA ILE A 169 19.73 25.31 8.73
C ILE A 169 20.70 26.11 7.86
N ILE A 170 20.45 26.10 6.53
CA ILE A 170 21.22 26.84 5.56
C ILE A 170 20.72 28.29 5.65
N ALA A 171 21.64 29.22 5.95
CA ALA A 171 21.25 30.66 6.14
C ALA A 171 22.28 31.58 5.59
N SER A 172 21.84 32.74 5.12
CA SER A 172 22.70 33.80 4.65
C SER A 172 22.26 35.12 5.26
N ARG A 173 23.20 36.01 5.49
CA ARG A 173 22.88 37.38 5.90
C ARG A 173 24.11 38.16 5.59
N MET A 174 23.94 39.46 5.41
CA MET A 174 25.08 40.36 5.40
C MET A 174 25.83 40.21 6.71
N GLU A 175 27.16 40.21 6.59
CA GLU A 175 28.08 39.93 7.66
C GLU A 175 27.50 40.01 9.08
N GLY A 176 27.37 38.87 9.81
CA GLY A 176 26.93 38.92 11.17
C GLY A 176 26.45 37.60 11.75
N GLY A 177 25.82 37.70 12.91
CA GLY A 177 25.39 36.55 13.70
C GLY A 177 23.95 36.14 13.45
N VAL A 178 23.73 34.82 13.50
CA VAL A 178 22.45 34.22 13.35
C VAL A 178 22.08 33.60 14.69
N VAL A 179 20.80 33.68 15.04
CA VAL A 179 20.32 33.03 16.26
C VAL A 179 19.27 32.04 15.93
N LEU A 180 19.30 30.88 16.60
CA LEU A 180 18.29 29.91 16.39
C LEU A 180 17.64 29.65 17.75
N ALA A 181 16.30 29.43 17.79
CA ALA A 181 15.61 29.12 19.04
C ALA A 181 14.59 28.06 18.83
N LEU A 182 14.69 26.97 19.56
CA LEU A 182 13.76 25.95 19.58
C LEU A 182 12.75 26.18 20.70
N VAL A 183 11.47 26.14 20.39
CA VAL A 183 10.37 26.50 21.38
C VAL A 183 9.47 25.30 21.50
N ARG A 184 9.11 24.94 22.70
CA ARG A 184 8.16 23.85 22.94
C ARG A 184 6.80 24.47 23.16
N GLU A 185 5.80 23.94 22.46
CA GLU A 185 4.41 24.43 22.52
C GLU A 185 3.92 24.43 23.96
N GLY A 186 3.33 25.53 24.37
CA GLY A 186 2.86 25.67 25.76
C GLY A 186 3.82 26.47 26.64
N ASP A 187 5.12 26.51 26.32
CA ASP A 187 6.08 27.21 27.15
C ASP A 187 6.01 28.69 26.74
N SER A 188 6.60 29.59 27.52
CA SER A 188 6.55 31.04 27.25
C SER A 188 7.87 31.56 26.78
N LYS A 189 8.84 30.68 26.60
CA LYS A 189 10.14 31.10 26.04
C LYS A 189 10.84 29.91 25.42
N PRO A 190 12.01 30.13 24.79
CA PRO A 190 12.66 29.02 24.13
C PRO A 190 13.17 27.95 25.04
N TYR A 191 13.08 26.71 24.56
CA TYR A 191 13.73 25.56 25.22
C TYR A 191 15.27 25.54 25.03
N ALA A 192 15.77 26.10 23.93
CA ALA A 192 17.21 26.02 23.61
C ALA A 192 17.48 27.07 22.53
N ILE A 193 18.65 27.64 22.63
CA ILE A 193 19.07 28.73 21.79
C ILE A 193 20.52 28.36 21.29
N SER A 194 20.80 28.59 20.04
CA SER A 194 22.13 28.35 19.47
C SER A 194 22.46 29.53 18.54
N TYR A 195 23.70 29.53 18.07
CA TYR A 195 24.19 30.70 17.37
C TYR A 195 24.92 30.23 16.12
N GLY A 196 24.79 30.99 15.03
CA GLY A 196 25.53 30.67 13.83
C GLY A 196 26.04 31.94 13.16
N TYR A 197 26.62 31.78 11.98
CA TYR A 197 27.32 32.91 11.35
C TYR A 197 27.15 32.88 9.82
N SER A 198 27.00 34.04 9.19
CA SER A 198 27.18 34.13 7.78
C SER A 198 27.95 35.43 7.40
N SER A 199 28.86 35.28 6.43
CA SER A 199 29.69 36.32 6.01
C SER A 199 29.01 37.12 4.96
N GLY A 200 27.82 36.68 4.55
CA GLY A 200 27.27 37.16 3.24
C GLY A 200 26.92 36.01 2.34
N VAL A 201 27.68 34.91 2.35
CA VAL A 201 27.32 33.74 1.60
C VAL A 201 26.68 32.64 2.51
N PRO A 202 25.91 31.73 1.92
CA PRO A 202 25.21 30.76 2.73
C PRO A 202 26.16 29.87 3.57
N ASN A 203 25.70 29.54 4.77
CA ASN A 203 26.48 28.75 5.71
C ASN A 203 25.51 27.95 6.55
N LEU A 204 25.94 26.78 7.01
CA LEU A 204 25.11 25.98 7.88
C LEU A 204 25.13 26.61 9.27
N CYS A 205 23.96 26.81 9.87
CA CYS A 205 23.77 27.34 11.27
C CYS A 205 23.00 26.27 12.05
N SER A 206 23.55 25.82 13.20
CA SER A 206 23.09 24.63 13.82
C SER A 206 22.65 24.92 15.27
N LEU A 207 21.77 24.04 15.72
CA LEU A 207 21.29 24.00 17.10
C LEU A 207 21.32 22.53 17.42
N ARG A 208 21.98 22.21 18.50
CA ARG A 208 22.05 20.80 18.97
C ARG A 208 21.63 20.84 20.42
N THR A 209 20.69 19.99 20.80
CA THR A 209 20.19 19.97 22.15
C THR A 209 19.56 18.63 22.40
N ARG A 210 19.03 18.49 23.60
CA ARG A 210 18.31 17.31 24.01
C ARG A 210 17.02 17.77 24.66
N ILE A 211 15.95 17.02 24.38
CA ILE A 211 14.67 17.31 24.95
C ILE A 211 14.33 16.18 25.93
N ILE A 212 13.81 16.55 27.09
CA ILE A 212 13.34 15.58 28.06
C ILE A 212 11.88 15.34 27.80
N ASN A 213 11.53 14.10 27.49
CA ASN A 213 10.17 13.74 27.16
C ASN A 213 9.40 13.52 28.47
N THR A 214 8.11 13.82 28.46
CA THR A 214 7.29 13.75 29.67
C THR A 214 6.10 12.84 29.54
N GLY A 215 6.16 11.92 28.58
CA GLY A 215 5.10 10.96 28.37
C GLY A 215 5.21 10.45 26.94
N LEU A 216 4.11 9.89 26.45
CA LEU A 216 4.13 9.19 25.19
C LEU A 216 3.19 9.88 24.24
N THR A 217 2.90 11.12 24.54
CA THR A 217 1.98 11.93 23.79
C THR A 217 2.70 12.77 22.75
N PRO A 218 2.15 12.88 21.54
CA PRO A 218 2.72 13.80 20.58
C PRO A 218 3.01 15.15 21.21
N THR A 219 4.16 15.75 20.85
CA THR A 219 4.50 17.08 21.36
C THR A 219 5.01 17.91 20.22
N THR A 220 4.62 19.17 20.19
CA THR A 220 4.93 20.03 19.12
C THR A 220 6.01 21.10 19.49
N TYR A 221 6.99 21.29 18.59
CA TYR A 221 8.11 22.19 18.80
C TYR A 221 8.18 23.02 17.59
N SER A 222 8.73 24.22 17.74
CA SER A 222 8.92 25.04 16.59
C SER A 222 10.34 25.66 16.61
N LEU A 223 10.86 26.01 15.42
CA LEU A 223 12.15 26.55 15.35
C LEU A 223 11.99 27.95 14.80
N ARG A 224 12.63 28.91 15.47
N ARG A 224 12.63 28.91 15.47
CA ARG A 224 12.66 30.28 15.02
CA ARG A 224 12.67 30.28 15.01
C ARG A 224 14.12 30.70 14.74
C ARG A 224 14.12 30.70 14.74
N VAL A 225 14.30 31.55 13.73
CA VAL A 225 15.57 31.96 13.27
C VAL A 225 15.51 33.47 13.03
N GLY A 226 16.58 34.14 13.42
CA GLY A 226 16.75 35.58 13.19
C GLY A 226 18.11 36.14 13.36
N GLY A 227 18.28 37.39 13.01
CA GLY A 227 19.55 38.05 13.27
C GLY A 227 19.85 38.28 14.76
N LEU A 228 21.12 38.25 15.08
CA LEU A 228 21.60 38.64 16.39
C LEU A 228 21.61 40.14 16.47
N GLU A 229 20.61 40.74 17.13
CA GLU A 229 20.50 42.22 17.35
C GLU A 229 20.06 42.98 16.11
N SER A 230 20.60 42.66 14.94
CA SER A 230 20.19 43.32 13.72
C SER A 230 20.50 42.47 12.50
N GLY A 231 19.95 42.87 11.39
CA GLY A 231 20.14 42.23 10.08
C GLY A 231 19.00 41.28 9.73
N VAL A 232 18.73 41.10 8.44
CA VAL A 232 17.79 40.15 7.94
C VAL A 232 18.51 38.85 7.63
N VAL A 233 17.91 37.71 7.98
CA VAL A 233 18.46 36.40 7.69
C VAL A 233 17.55 35.66 6.73
N TRP A 234 18.13 35.10 5.68
CA TRP A 234 17.38 34.28 4.75
C TRP A 234 17.76 32.86 5.04
N VAL A 235 16.76 32.03 5.14
CA VAL A 235 16.96 30.53 5.21
C VAL A 235 16.75 29.93 3.84
N ASN A 236 17.68 29.05 3.44
CA ASN A 236 17.69 28.32 2.17
C ASN A 236 17.85 29.20 0.93
N ALA A 237 18.51 30.32 1.08
CA ALA A 237 18.59 31.28 0.02
C ALA A 237 19.79 32.15 0.26
N LEU A 238 20.19 32.87 -0.76
CA LEU A 238 21.21 33.90 -0.70
C LEU A 238 20.67 35.11 0.03
N SER A 239 21.54 36.07 0.33
CA SER A 239 21.18 37.15 1.24
C SER A 239 20.09 38.09 0.65
N ASN A 240 19.82 37.98 -0.65
CA ASN A 240 18.74 38.75 -1.35
C ASN A 240 17.51 37.94 -1.61
N GLY A 241 17.47 36.71 -1.12
CA GLY A 241 16.36 35.86 -1.41
C GLY A 241 16.43 34.92 -2.59
N ASN A 242 17.43 35.08 -3.45
CA ASN A 242 17.58 34.25 -4.63
C ASN A 242 18.09 32.85 -4.27
N ASP A 243 17.78 31.92 -5.15
CA ASP A 243 18.15 30.51 -5.00
C ASP A 243 19.66 30.36 -4.93
N ILE A 244 20.14 29.56 -4.00
CA ILE A 244 21.57 29.30 -3.94
C ILE A 244 21.93 28.38 -5.09
N LEU A 245 22.88 28.80 -5.93
CA LEU A 245 23.38 28.02 -7.07
C LEU A 245 22.24 27.65 -8.09
N GLY A 246 21.15 28.41 -8.02
CA GLY A 246 19.99 28.22 -8.87
C GLY A 246 19.07 27.09 -8.57
N ILE A 247 19.14 26.47 -7.38
CA ILE A 247 18.38 25.28 -7.10
C ILE A 247 17.60 25.46 -5.79
N THR A 248 16.72 24.53 -5.49
CA THR A 248 16.09 24.47 -4.20
C THR A 248 17.08 23.77 -3.22
N ASN A 249 17.21 24.31 -1.99
CA ASN A 249 18.10 23.71 -0.96
C ASN A 249 17.32 23.26 0.25
N THR A 250 17.90 22.34 1.01
CA THR A 250 17.24 21.61 2.06
C THR A 250 17.95 21.79 3.41
N SER A 251 17.23 22.32 4.41
CA SER A 251 17.68 22.39 5.78
C SER A 251 16.95 21.25 6.40
N ASN A 252 17.47 20.72 7.49
CA ASN A 252 16.87 19.53 8.19
C ASN A 252 16.84 19.71 9.73
N VAL A 253 15.76 19.24 10.35
CA VAL A 253 15.63 19.13 11.77
C VAL A 253 15.31 17.67 12.08
N SER A 254 16.22 17.02 12.78
CA SER A 254 16.02 15.63 13.17
C SER A 254 15.91 15.43 14.68
N PHE A 255 15.11 14.43 15.04
CA PHE A 255 14.84 14.06 16.42
C PHE A 255 15.11 12.61 16.54
N LEU A 256 16.03 12.25 17.41
CA LEU A 256 16.37 10.89 17.61
C LEU A 256 16.12 10.57 19.08
N GLU A 257 15.26 9.60 19.33
CA GLU A 257 14.96 9.18 20.68
C GLU A 257 16.10 8.38 21.25
N VAL A 258 16.46 8.73 22.48
CA VAL A 258 17.54 8.05 23.20
C VAL A 258 17.17 7.92 24.65
N ILE A 259 17.83 6.99 25.37
CA ILE A 259 17.51 6.65 26.78
C ILE A 259 18.64 6.97 27.73
N PRO A 260 18.45 7.93 28.67
CA PRO A 260 19.57 8.37 29.47
C PRO A 260 19.91 7.36 30.57
N GLY B 2 -21.52 -83.65 19.76
CA GLY B 2 -22.70 -84.37 19.21
C GLY B 2 -23.87 -84.40 20.18
N ASN B 3 -24.07 -83.30 20.90
CA ASN B 3 -24.82 -83.36 22.15
C ASN B 3 -25.42 -82.00 22.57
N SER B 4 -26.55 -82.04 23.25
CA SER B 4 -27.03 -80.90 24.02
C SER B 4 -27.83 -81.45 25.17
N GLY B 5 -28.04 -80.62 26.18
CA GLY B 5 -28.76 -81.02 27.37
C GLY B 5 -28.23 -80.30 28.60
N PHE B 6 -28.12 -81.08 29.69
CA PHE B 6 -27.73 -80.57 31.00
C PHE B 6 -26.76 -81.56 31.60
N TYR B 7 -25.82 -81.06 32.38
CA TYR B 7 -24.77 -81.90 32.95
C TYR B 7 -24.14 -81.26 34.15
N LEU B 8 -23.52 -82.09 34.96
CA LEU B 8 -22.89 -81.70 36.20
C LEU B 8 -21.38 -81.44 35.93
N TYR B 9 -20.93 -80.22 36.29
CA TYR B 9 -19.51 -79.84 36.29
C TYR B 9 -19.14 -79.51 37.72
N ASN B 10 -18.20 -80.28 38.26
CA ASN B 10 -18.00 -80.37 39.71
C ASN B 10 -19.33 -80.53 40.46
N THR B 11 -19.90 -79.45 40.98
CA THR B 11 -21.16 -79.46 41.68
C THR B 11 -22.20 -78.56 40.96
N GLN B 12 -21.87 -77.97 39.81
CA GLN B 12 -22.82 -77.04 39.16
C GLN B 12 -23.63 -77.78 38.08
N ASN B 13 -24.94 -77.52 38.04
CA ASN B 13 -25.85 -78.11 37.07
C ASN B 13 -26.01 -77.21 35.88
N CYS B 14 -25.38 -77.56 34.77
CA CYS B 14 -25.21 -76.64 33.66
C CYS B 14 -25.96 -77.07 32.42
N VAL B 15 -26.51 -76.11 31.70
CA VAL B 15 -26.98 -76.31 30.34
C VAL B 15 -25.82 -76.30 29.38
N PHE B 16 -25.87 -77.15 28.37
CA PHE B 16 -24.84 -77.20 27.35
C PHE B 16 -25.45 -77.50 25.99
N ALA B 17 -24.78 -77.00 24.95
CA ALA B 17 -25.19 -77.10 23.56
C ALA B 17 -24.00 -76.41 22.79
N THR B 100 8.72 -17.56 30.08
CA THR B 100 9.57 -17.67 28.89
C THR B 100 9.76 -16.28 28.26
N VAL B 101 8.70 -15.48 28.28
CA VAL B 101 8.75 -14.12 27.81
C VAL B 101 9.63 -13.32 28.77
N GLN B 102 9.26 -13.27 30.06
CA GLN B 102 10.12 -12.62 31.06
C GLN B 102 11.56 -13.14 31.02
N ASP B 103 11.78 -14.38 30.60
CA ASP B 103 13.13 -14.95 30.62
C ASP B 103 13.99 -14.36 29.50
N ILE B 104 13.36 -14.04 28.37
CA ILE B 104 14.05 -13.34 27.31
C ILE B 104 14.21 -11.88 27.73
N LEU B 105 13.13 -11.29 28.18
CA LEU B 105 13.15 -9.89 28.53
C LEU B 105 14.22 -9.51 29.52
N ASP B 106 14.46 -10.33 30.53
CA ASP B 106 15.61 -10.08 31.43
C ASP B 106 16.97 -10.18 30.76
N LYS B 107 17.12 -11.14 29.84
CA LYS B 107 18.33 -11.22 29.05
C LYS B 107 18.52 -9.94 28.24
N ILE B 108 17.51 -9.62 27.43
CA ILE B 108 17.61 -8.54 26.45
C ILE B 108 17.82 -7.19 27.11
N THR B 109 17.25 -6.97 28.28
CA THR B 109 17.40 -5.70 28.99
C THR B 109 18.59 -5.68 29.97
N THR B 110 19.43 -6.71 29.99
CA THR B 110 20.64 -6.65 30.83
C THR B 110 21.93 -7.29 30.25
N ASP B 111 21.83 -7.98 29.11
CA ASP B 111 23.02 -8.66 28.58
C ASP B 111 23.88 -7.72 27.71
N PRO B 112 25.12 -7.40 28.15
CA PRO B 112 25.99 -6.50 27.36
C PRO B 112 26.50 -7.06 26.04
N SER B 113 26.39 -8.37 25.83
CA SER B 113 27.00 -9.02 24.68
C SER B 113 26.09 -9.00 23.47
N LEU B 114 24.80 -8.77 23.70
CA LEU B 114 23.82 -8.76 22.61
C LEU B 114 23.85 -7.49 21.80
N GLY B 115 24.28 -6.39 22.44
CA GLY B 115 24.21 -5.10 21.85
C GLY B 115 22.86 -4.46 21.66
N LEU B 116 21.90 -4.74 22.53
CA LEU B 116 20.65 -3.97 22.54
C LEU B 116 20.63 -2.79 23.52
N LEU B 117 21.56 -2.75 24.46
CA LEU B 117 21.58 -1.72 25.53
C LEU B 117 22.55 -0.64 25.12
N LYS B 118 22.07 0.61 25.04
CA LYS B 118 22.87 1.72 24.53
C LYS B 118 22.78 2.94 25.41
N ALA B 119 23.90 3.30 26.03
CA ALA B 119 23.92 4.42 26.94
C ALA B 119 23.79 5.71 26.14
N PHE B 120 23.12 6.69 26.73
CA PHE B 120 23.17 8.06 26.29
C PHE B 120 23.38 8.97 27.48
N ASN B 121 24.26 9.96 27.35
CA ASN B 121 24.47 10.94 28.36
C ASN B 121 24.60 12.28 27.64
N ASN B 122 23.95 13.30 28.16
CA ASN B 122 24.20 14.69 27.70
C ASN B 122 24.71 15.51 28.84
N PHE B 123 25.75 16.32 28.61
CA PHE B 123 26.37 17.14 29.61
C PHE B 123 26.25 18.61 29.23
N PRO B 124 25.40 19.35 29.98
CA PRO B 124 25.28 20.78 29.61
C PRO B 124 26.42 21.56 30.21
N ILE B 125 26.90 22.59 29.52
CA ILE B 125 27.93 23.48 30.03
C ILE B 125 27.37 24.84 29.90
N THR B 126 27.04 25.49 31.00
CA THR B 126 26.35 26.78 30.99
C THR B 126 27.12 27.93 31.57
N ASN B 127 28.22 27.62 32.23
N ASN B 127 28.23 27.63 32.23
CA ASN B 127 29.09 28.64 32.78
CA ASN B 127 29.08 28.67 32.77
C ASN B 127 29.86 29.36 31.68
C ASN B 127 29.87 29.36 31.67
N LYS B 128 30.18 30.63 31.92
CA LYS B 128 31.03 31.40 31.06
C LYS B 128 32.46 31.15 31.38
N ILE B 129 33.29 30.78 30.40
CA ILE B 129 34.68 30.38 30.69
C ILE B 129 35.62 31.08 29.79
N GLN B 130 36.56 31.78 30.41
CA GLN B 130 37.53 32.53 29.68
C GLN B 130 38.66 31.51 29.33
N CYS B 131 38.93 31.27 28.05
CA CYS B 131 39.92 30.31 27.62
C CYS B 131 41.16 31.00 27.15
N ASN B 132 42.14 31.15 28.05
CA ASN B 132 43.38 31.87 27.79
C ASN B 132 44.43 30.92 27.20
N GLY B 133 44.30 29.64 27.43
CA GLY B 133 45.23 28.69 26.91
C GLY B 133 45.12 28.63 25.37
N LEU B 134 46.25 28.52 24.70
CA LEU B 134 46.32 28.54 23.22
C LEU B 134 46.56 27.17 22.74
N PHE B 135 46.27 26.90 21.48
CA PHE B 135 46.72 25.70 20.87
C PHE B 135 47.79 26.06 19.86
N THR B 136 48.92 25.36 19.92
CA THR B 136 50.05 25.62 19.03
C THR B 136 50.62 24.28 18.57
N PRO B 137 51.52 24.29 17.57
CA PRO B 137 52.15 23.04 17.22
C PRO B 137 52.94 22.35 18.39
N ARG B 138 53.48 23.16 19.31
CA ARG B 138 54.22 22.64 20.42
C ARG B 138 53.37 22.07 21.54
N ASN B 139 52.09 22.45 21.65
CA ASN B 139 51.27 21.86 22.71
C ASN B 139 50.11 21.08 22.21
N ILE B 140 49.98 20.94 20.90
CA ILE B 140 48.76 20.26 20.40
C ILE B 140 48.75 18.78 20.83
N GLU B 141 49.88 18.14 20.80
CA GLU B 141 50.01 16.72 21.19
C GLU B 141 50.46 16.53 22.61
N THR B 142 50.02 17.40 23.50
CA THR B 142 50.23 17.25 24.96
C THR B 142 48.88 17.39 25.62
N LEU B 143 48.86 17.50 26.94
CA LEU B 143 47.64 17.75 27.72
C LEU B 143 47.45 19.23 28.10
N LEU B 144 48.35 20.09 27.64
CA LEU B 144 48.40 21.48 28.10
C LEU B 144 47.79 22.47 27.11
N GLY B 145 47.34 22.02 25.96
CA GLY B 145 46.71 22.93 25.02
C GLY B 145 45.39 23.47 25.54
N GLY B 146 45.07 24.74 25.26
CA GLY B 146 43.80 25.25 25.59
C GLY B 146 43.44 25.22 27.06
N THR B 147 42.15 25.42 27.36
CA THR B 147 41.63 25.50 28.73
C THR B 147 40.49 24.45 28.85
N GLU B 148 40.51 23.68 29.94
CA GLU B 148 39.47 22.72 30.21
C GLU B 148 38.13 23.42 30.41
N ILE B 149 37.09 22.97 29.70
CA ILE B 149 35.75 23.51 29.93
C ILE B 149 34.77 22.50 30.46
N GLY B 150 35.16 21.21 30.55
CA GLY B 150 34.23 20.28 31.06
C GLY B 150 34.93 18.96 31.16
N LYS B 151 34.37 18.14 32.03
CA LYS B 151 34.88 16.78 32.28
C LYS B 151 33.66 15.91 32.34
N PHE B 152 33.71 14.70 31.74
CA PHE B 152 32.54 13.89 31.61
C PHE B 152 32.91 12.44 31.91
N THR B 153 32.09 11.82 32.72
CA THR B 153 32.23 10.38 32.95
C THR B 153 31.08 9.58 32.38
N VAL B 154 31.40 8.57 31.57
CA VAL B 154 30.38 7.76 30.90
C VAL B 154 30.68 6.27 31.03
N THR B 155 29.61 5.47 30.97
CA THR B 155 29.68 4.02 31.10
C THR B 155 28.99 3.32 29.94
N PRO B 156 29.74 2.56 29.13
CA PRO B 156 29.09 1.75 28.11
C PRO B 156 28.19 0.67 28.73
N LYS B 157 27.09 0.34 28.07
CA LYS B 157 26.24 -0.78 28.48
C LYS B 157 26.41 -2.04 27.61
N SER B 158 27.13 -1.94 26.51
CA SER B 158 27.39 -3.09 25.65
C SER B 158 28.88 -3.20 25.41
N SER B 159 29.31 -4.43 25.13
CA SER B 159 30.71 -4.74 24.84
C SER B 159 30.98 -4.51 23.38
N GLY B 160 32.23 -4.12 23.08
CA GLY B 160 32.67 -3.85 21.71
C GLY B 160 31.92 -2.69 21.08
N SER B 161 31.54 -1.72 21.90
CA SER B 161 30.75 -0.58 21.41
C SER B 161 31.64 0.65 21.19
N MET B 162 31.01 1.70 20.68
CA MET B 162 31.62 2.99 20.53
C MET B 162 30.70 4.03 21.13
N PHE B 163 31.23 5.21 21.43
CA PHE B 163 30.36 6.36 21.71
C PHE B 163 30.49 7.34 20.56
N LEU B 164 29.37 7.75 20.03
CA LEU B 164 29.33 8.82 19.04
C LEU B 164 29.28 10.08 19.87
N VAL B 165 30.25 10.99 19.67
CA VAL B 165 30.38 12.17 20.50
C VAL B 165 30.11 13.44 19.69
N SER B 166 29.29 14.30 20.24
CA SER B 166 29.01 15.61 19.68
C SER B 166 29.24 16.68 20.74
N ALA B 167 30.22 17.51 20.53
CA ALA B 167 30.42 18.65 21.39
C ALA B 167 30.03 19.89 20.62
N ASP B 168 29.07 20.61 21.13
CA ASP B 168 28.51 21.83 20.46
C ASP B 168 28.60 23.04 21.40
N ILE B 169 29.70 23.80 21.20
CA ILE B 169 30.15 24.86 22.12
C ILE B 169 29.90 26.26 21.53
N ILE B 170 29.20 27.07 22.26
CA ILE B 170 29.04 28.49 21.95
C ILE B 170 30.28 29.24 22.36
N ALA B 171 30.93 29.94 21.41
CA ALA B 171 32.21 30.62 21.64
C ALA B 171 32.29 31.93 20.85
N SER B 172 32.99 32.91 21.41
CA SER B 172 33.29 34.18 20.77
C SER B 172 34.75 34.44 20.93
N ARG B 173 35.30 35.17 19.98
CA ARG B 173 36.67 35.65 20.08
C ARG B 173 36.77 36.69 19.03
N MET B 174 37.67 37.62 19.23
CA MET B 174 38.09 38.51 18.18
C MET B 174 38.54 37.69 16.97
N GLU B 175 38.10 38.16 15.80
CA GLU B 175 38.26 37.46 14.51
C GLU B 175 39.33 36.35 14.50
N GLY B 176 38.93 35.09 14.39
CA GLY B 176 39.91 34.03 14.31
C GLY B 176 39.40 32.66 14.62
N GLY B 177 40.35 31.74 14.71
CA GLY B 177 40.05 30.31 14.80
C GLY B 177 40.00 29.77 16.23
N VAL B 178 39.18 28.73 16.40
CA VAL B 178 38.91 28.13 17.67
C VAL B 178 39.29 26.69 17.54
N VAL B 179 39.87 26.16 18.58
CA VAL B 179 40.29 24.72 18.55
C VAL B 179 39.64 24.04 19.68
N LEU B 180 39.23 22.76 19.48
CA LEU B 180 38.56 22.02 20.51
C LEU B 180 39.31 20.66 20.56
N ALA B 181 39.51 20.16 21.74
CA ALA B 181 40.25 18.88 21.91
C ALA B 181 39.59 18.09 22.99
N LEU B 182 39.26 16.86 22.66
CA LEU B 182 38.73 15.93 23.58
C LEU B 182 39.85 15.05 24.03
N VAL B 183 40.01 14.91 25.34
CA VAL B 183 41.10 14.12 25.93
C VAL B 183 40.49 12.98 26.73
N ARG B 184 41.04 11.79 26.62
CA ARG B 184 40.63 10.64 27.43
C ARG B 184 41.60 10.50 28.59
N GLU B 185 41.07 10.37 29.80
CA GLU B 185 41.86 10.25 31.03
C GLU B 185 42.85 9.12 30.93
N GLY B 186 44.10 9.39 31.31
CA GLY B 186 45.18 8.41 31.18
C GLY B 186 46.04 8.58 29.92
N ASP B 187 45.50 9.20 28.88
CA ASP B 187 46.27 9.36 27.63
C ASP B 187 47.15 10.56 27.83
N SER B 188 48.17 10.73 26.99
CA SER B 188 49.07 11.88 27.12
C SER B 188 48.86 12.95 26.04
N LYS B 189 47.83 12.77 25.22
CA LYS B 189 47.47 13.77 24.22
C LYS B 189 45.99 13.60 23.81
N PRO B 190 45.44 14.54 22.99
CA PRO B 190 44.04 14.45 22.65
C PRO B 190 43.61 13.21 21.83
N TYR B 191 42.40 12.73 22.11
CA TYR B 191 41.76 11.72 21.35
C TYR B 191 41.28 12.22 20.02
N ALA B 192 40.84 13.50 19.97
CA ALA B 192 40.26 13.99 18.77
C ALA B 192 40.32 15.52 18.91
N ILE B 193 40.40 16.16 17.76
CA ILE B 193 40.60 17.63 17.69
C ILE B 193 39.66 18.13 16.63
N SER B 194 39.14 19.35 16.81
CA SER B 194 38.24 19.94 15.78
C SER B 194 38.49 21.41 15.81
N TYR B 195 37.85 22.11 14.87
CA TYR B 195 38.11 23.53 14.68
C TYR B 195 36.80 24.28 14.43
N GLY B 196 36.76 25.56 14.90
CA GLY B 196 35.63 26.41 14.79
C GLY B 196 36.08 27.87 14.48
N TYR B 197 35.12 28.75 14.46
CA TYR B 197 35.40 30.12 13.98
C TYR B 197 34.49 31.11 14.69
N SER B 198 35.04 32.25 15.09
CA SER B 198 34.22 33.34 15.45
C SER B 198 34.73 34.61 14.77
N SER B 199 33.78 35.44 14.33
CA SER B 199 34.08 36.73 13.77
C SER B 199 34.17 37.83 14.83
N GLY B 200 33.92 37.49 16.09
CA GLY B 200 33.76 38.55 17.11
C GLY B 200 32.47 38.36 17.85
N VAL B 201 31.44 37.87 17.17
CA VAL B 201 30.21 37.60 17.80
C VAL B 201 30.12 36.03 18.02
N PRO B 202 29.28 35.63 18.92
CA PRO B 202 29.25 34.15 19.28
C PRO B 202 28.80 33.24 18.09
N ASN B 203 29.37 32.03 18.04
CA ASN B 203 29.12 31.12 17.02
C ASN B 203 29.28 29.71 17.62
N LEU B 204 28.58 28.74 17.06
CA LEU B 204 28.71 27.36 17.50
C LEU B 204 30.00 26.78 16.92
N CYS B 205 30.78 26.13 17.76
CA CYS B 205 32.01 25.47 17.41
C CYS B 205 31.85 24.04 17.82
N SER B 206 32.12 23.12 16.91
CA SER B 206 31.77 21.73 17.15
C SER B 206 32.93 20.79 16.99
N LEU B 207 32.79 19.65 17.66
CA LEU B 207 33.70 18.55 17.55
C LEU B 207 32.76 17.37 17.44
N ARG B 208 33.00 16.52 16.44
N ARG B 208 32.98 16.53 16.44
CA ARG B 208 32.24 15.31 16.23
CA ARG B 208 32.20 15.34 16.20
C ARG B 208 33.20 14.17 16.04
C ARG B 208 33.18 14.17 16.03
N THR B 209 33.03 13.10 16.82
CA THR B 209 33.96 11.99 16.76
C THR B 209 33.30 10.74 17.28
N ARG B 210 34.05 9.63 17.28
CA ARG B 210 33.62 8.37 17.83
C ARG B 210 34.73 7.84 18.72
N ILE B 211 34.33 7.26 19.85
CA ILE B 211 35.27 6.76 20.81
C ILE B 211 35.08 5.26 20.82
N ILE B 212 36.19 4.54 20.82
CA ILE B 212 36.17 3.08 20.93
C ILE B 212 36.24 2.74 22.40
N ASN B 213 35.22 2.03 22.88
CA ASN B 213 35.11 1.66 24.28
C ASN B 213 35.89 0.36 24.52
N THR B 214 36.42 0.22 25.72
CA THR B 214 37.32 -0.88 26.06
C THR B 214 36.87 -1.63 27.28
N GLY B 215 35.57 -1.60 27.57
CA GLY B 215 34.96 -2.41 28.63
C GLY B 215 33.70 -1.73 29.08
N LEU B 216 33.27 -2.03 30.28
CA LEU B 216 31.98 -1.59 30.78
C LEU B 216 32.17 -0.73 32.02
N THR B 217 33.38 -0.24 32.20
CA THR B 217 33.76 0.51 33.37
C THR B 217 33.56 2.03 33.06
N PRO B 218 33.08 2.83 34.02
CA PRO B 218 33.07 4.29 33.83
C PRO B 218 34.42 4.84 33.29
N THR B 219 34.36 5.75 32.33
CA THR B 219 35.56 6.35 31.77
C THR B 219 35.37 7.83 31.74
N THR B 220 36.44 8.55 32.01
CA THR B 220 36.36 10.00 32.04
C THR B 220 37.04 10.66 30.84
N TYR B 221 36.38 11.71 30.30
CA TYR B 221 36.91 12.46 29.17
C TYR B 221 36.78 13.91 29.53
N SER B 222 37.60 14.72 28.86
CA SER B 222 37.57 16.12 29.09
C SER B 222 37.65 16.91 27.81
N LEU B 223 37.11 18.15 27.78
CA LEU B 223 37.10 18.95 26.58
C LEU B 223 37.84 20.24 26.88
N ARG B 224 38.83 20.55 26.07
CA ARG B 224 39.59 21.72 26.19
C ARG B 224 39.30 22.60 24.89
N VAL B 225 39.29 23.89 25.09
CA VAL B 225 39.01 24.86 24.10
C VAL B 225 40.04 25.99 24.20
N GLY B 226 40.51 26.45 23.04
CA GLY B 226 41.41 27.58 22.98
C GLY B 226 41.56 28.21 21.60
N GLY B 227 42.25 29.31 21.55
CA GLY B 227 42.56 29.90 20.27
C GLY B 227 43.53 29.06 19.45
N LEU B 228 43.34 29.12 18.13
CA LEU B 228 44.29 28.63 17.17
C LEU B 228 45.48 29.56 17.09
N GLU B 229 46.60 29.14 17.63
CA GLU B 229 47.85 29.98 17.64
C GLU B 229 47.81 31.24 18.53
N SER B 230 46.72 32.01 18.51
CA SER B 230 46.61 33.21 19.31
C SER B 230 45.16 33.58 19.58
N GLY B 231 44.97 34.51 20.52
CA GLY B 231 43.69 35.10 20.87
C GLY B 231 43.02 34.42 22.05
N VAL B 232 42.16 35.14 22.75
CA VAL B 232 41.37 34.65 23.88
C VAL B 232 39.98 34.21 23.40
N VAL B 233 39.50 33.06 23.87
CA VAL B 233 38.18 32.51 23.48
C VAL B 233 37.34 32.51 24.71
N TRP B 234 36.12 33.05 24.64
CA TRP B 234 35.13 32.93 25.66
C TRP B 234 34.10 31.93 25.27
N VAL B 235 33.85 30.93 26.14
CA VAL B 235 32.80 30.01 25.97
C VAL B 235 31.57 30.52 26.69
N ASN B 236 30.43 30.41 26.01
CA ASN B 236 29.08 30.85 26.51
C ASN B 236 29.00 32.32 26.86
N ALA B 237 29.77 33.13 26.17
CA ALA B 237 29.75 34.49 26.49
C ALA B 237 30.21 35.27 25.24
N LEU B 238 30.01 36.60 25.26
CA LEU B 238 30.51 37.53 24.26
C LEU B 238 32.02 37.67 24.41
N SER B 239 32.67 38.36 23.49
CA SER B 239 34.12 38.35 23.45
C SER B 239 34.68 39.14 24.64
N ASN B 240 33.85 39.93 25.32
CA ASN B 240 34.24 40.64 26.55
C ASN B 240 33.78 39.97 27.82
N GLY B 241 33.27 38.74 27.74
CA GLY B 241 32.85 38.00 28.93
C GLY B 241 31.41 38.19 29.38
N ASN B 242 30.71 39.18 28.81
CA ASN B 242 29.32 39.40 29.17
C ASN B 242 28.39 38.36 28.61
N ASP B 243 27.22 38.26 29.22
CA ASP B 243 26.18 37.29 28.83
C ASP B 243 25.71 37.51 27.42
N ILE B 244 25.58 36.46 26.64
CA ILE B 244 25.03 36.67 25.26
C ILE B 244 23.51 36.95 25.35
N LEU B 245 23.05 38.08 24.81
CA LEU B 245 21.66 38.47 24.87
C LEU B 245 21.11 38.53 26.33
N GLY B 246 22.01 38.67 27.32
CA GLY B 246 21.66 38.93 28.69
C GLY B 246 21.24 37.71 29.45
N ILE B 247 21.51 36.49 28.89
CA ILE B 247 20.94 35.24 29.50
C ILE B 247 22.01 34.25 29.68
N THR B 248 21.73 33.15 30.39
CA THR B 248 22.70 32.13 30.40
C THR B 248 22.49 31.27 29.13
N ASN B 249 23.58 30.85 28.50
CA ASN B 249 23.54 30.03 27.32
C ASN B 249 24.13 28.68 27.58
N THR B 250 23.73 27.72 26.74
CA THR B 250 24.03 26.31 27.02
C THR B 250 24.84 25.76 25.86
N SER B 251 26.02 25.24 26.17
CA SER B 251 26.76 24.43 25.28
C SER B 251 26.46 23.02 25.72
N ASN B 252 26.52 22.06 24.82
CA ASN B 252 26.24 20.65 25.11
C ASN B 252 27.31 19.71 24.60
N VAL B 253 27.60 18.65 25.37
CA VAL B 253 28.42 17.55 24.93
C VAL B 253 27.64 16.27 25.15
N SER B 254 27.36 15.57 24.08
CA SER B 254 26.57 14.33 24.18
C SER B 254 27.41 13.10 23.76
N PHE B 255 27.11 11.99 24.41
CA PHE B 255 27.71 10.71 24.14
C PHE B 255 26.58 9.73 23.84
N LEU B 256 26.58 9.12 22.68
CA LEU B 256 25.55 8.16 22.31
C LEU B 256 26.24 6.83 21.97
N GLU B 257 25.87 5.78 22.67
CA GLU B 257 26.48 4.45 22.47
C GLU B 257 25.92 3.81 21.21
N VAL B 258 26.81 3.35 20.35
CA VAL B 258 26.46 2.73 19.07
C VAL B 258 27.38 1.51 18.86
N ILE B 259 26.97 0.60 18.00
CA ILE B 259 27.65 -0.69 17.80
C ILE B 259 28.15 -0.80 16.37
N PRO B 260 29.48 -0.84 16.18
CA PRO B 260 29.99 -0.96 14.82
C PRO B 260 29.75 -2.32 14.17
N GLN B 261 29.78 -2.34 12.84
CA GLN B 261 29.67 -3.56 12.03
C GLN B 261 31.01 -3.93 11.45
N SER C 4 -39.66 -73.19 24.19
CA SER C 4 -38.27 -73.54 24.60
C SER C 4 -37.89 -75.01 24.42
N GLY C 5 -36.58 -75.27 24.42
CA GLY C 5 -36.05 -76.63 24.25
C GLY C 5 -34.73 -76.63 23.50
N PHE C 6 -34.57 -77.61 22.63
CA PHE C 6 -33.37 -77.76 21.84
C PHE C 6 -33.80 -78.01 20.41
N TYR C 7 -32.98 -77.60 19.45
CA TYR C 7 -33.28 -77.84 18.04
C TYR C 7 -32.03 -77.76 17.17
N LEU C 8 -32.16 -78.25 15.94
CA LEU C 8 -31.06 -78.20 14.96
C LEU C 8 -31.18 -76.94 14.10
N TYR C 9 -30.08 -76.18 14.03
CA TYR C 9 -29.93 -75.05 13.11
C TYR C 9 -28.70 -75.34 12.27
N ASN C 10 -28.89 -75.49 10.96
CA ASN C 10 -27.94 -76.25 10.12
C ASN C 10 -27.46 -77.58 10.74
N THR C 11 -26.17 -77.83 10.65
CA THR C 11 -25.61 -79.03 11.31
C THR C 11 -25.70 -79.15 12.87
N GLN C 12 -25.95 -78.04 13.56
CA GLN C 12 -25.66 -77.97 14.99
C GLN C 12 -26.87 -77.88 15.97
N ASN C 13 -26.66 -78.50 17.13
CA ASN C 13 -27.69 -78.72 18.12
C ASN C 13 -27.71 -77.61 19.18
N CYS C 14 -28.78 -76.83 19.16
CA CYS C 14 -28.81 -75.57 19.85
C CYS C 14 -29.94 -75.44 20.89
N VAL C 15 -29.62 -74.84 22.04
CA VAL C 15 -30.62 -74.50 23.09
C VAL C 15 -31.38 -73.31 22.63
N PHE C 16 -32.66 -73.28 22.95
CA PHE C 16 -33.45 -72.11 22.70
C PHE C 16 -34.48 -71.88 23.79
N ALA C 17 -34.82 -70.62 23.99
CA ALA C 17 -35.80 -70.17 24.97
C ALA C 17 -36.06 -68.66 24.78
N ASP C 18 -37.04 -68.13 25.49
CA ASP C 18 -37.39 -66.70 25.43
C ASP C 18 -36.67 -65.86 26.55
N ASN C 19 -36.00 -66.50 27.53
CA ASN C 19 -35.06 -65.77 28.39
C ASN C 19 -33.80 -66.59 28.80
N THR C 109 18.42 -11.13 17.18
CA THR C 109 19.75 -10.72 16.72
C THR C 109 19.98 -10.95 15.22
N THR C 110 18.96 -11.33 14.48
CA THR C 110 19.09 -11.48 13.03
C THR C 110 17.89 -11.05 12.21
N ASP C 111 16.75 -10.77 12.83
CA ASP C 111 15.53 -10.47 12.06
C ASP C 111 15.49 -9.01 11.64
N PRO C 112 15.61 -8.73 10.32
CA PRO C 112 15.61 -7.36 9.87
C PRO C 112 14.28 -6.63 9.98
N SER C 113 13.19 -7.35 10.18
CA SER C 113 11.90 -6.73 10.09
C SER C 113 11.45 -6.12 11.41
N LEU C 114 12.11 -6.51 12.49
CA LEU C 114 11.71 -5.98 13.81
C LEU C 114 11.54 -4.42 13.97
N GLY C 115 12.51 -3.51 14.02
CA GLY C 115 13.95 -3.72 13.95
C GLY C 115 14.70 -3.20 15.16
N LEU C 116 15.18 -4.15 15.94
CA LEU C 116 16.36 -3.90 16.78
C LEU C 116 17.40 -3.88 15.67
N LEU C 117 18.62 -4.39 15.77
CA LEU C 117 19.60 -4.31 14.65
C LEU C 117 19.73 -2.99 13.87
N LYS C 118 20.74 -2.24 14.27
CA LYS C 118 21.04 -0.95 13.70
C LYS C 118 22.50 -0.85 13.37
N ALA C 119 22.80 -0.73 12.10
CA ALA C 119 24.19 -0.56 11.68
C ALA C 119 24.72 0.83 12.10
N PHE C 120 25.98 0.89 12.48
CA PHE C 120 26.74 2.14 12.57
C PHE C 120 28.04 1.95 11.84
N ASN C 121 28.43 2.96 11.06
CA ASN C 121 29.73 3.00 10.44
C ASN C 121 30.29 4.40 10.55
N ASN C 122 31.55 4.52 10.95
CA ASN C 122 32.23 5.76 10.87
C ASN C 122 33.40 5.64 9.88
N PHE C 123 33.60 6.67 9.03
CA PHE C 123 34.67 6.69 8.02
C PHE C 123 35.57 7.90 8.27
N PRO C 124 36.74 7.68 8.83
CA PRO C 124 37.63 8.80 9.05
C PRO C 124 38.28 9.18 7.75
N ILE C 125 38.41 10.48 7.50
CA ILE C 125 39.15 10.98 6.36
C ILE C 125 40.32 11.82 6.96
N THR C 126 41.54 11.32 6.83
CA THR C 126 42.72 11.98 7.44
C THR C 126 43.77 12.55 6.45
N ASN C 127 43.62 12.22 5.18
CA ASN C 127 44.46 12.80 4.16
C ASN C 127 44.09 14.24 3.87
N LYS C 128 45.09 15.03 3.51
CA LYS C 128 44.83 16.40 3.02
C LYS C 128 44.44 16.27 1.58
N ILE C 129 43.36 16.94 1.19
CA ILE C 129 42.96 16.90 -0.16
C ILE C 129 42.78 18.35 -0.71
N GLN C 130 43.34 18.60 -1.89
CA GLN C 130 43.34 19.98 -2.50
C GLN C 130 42.12 19.89 -3.42
N CYS C 131 41.05 20.60 -3.09
CA CYS C 131 39.77 20.51 -3.82
C CYS C 131 39.74 21.66 -4.79
N ASN C 132 40.16 21.39 -6.03
CA ASN C 132 40.20 22.37 -7.08
C ASN C 132 38.85 22.44 -7.81
N GLY C 133 38.06 21.39 -7.73
CA GLY C 133 36.73 21.40 -8.38
C GLY C 133 35.81 22.40 -7.71
N LEU C 134 35.11 23.18 -8.52
CA LEU C 134 34.22 24.22 -8.02
C LEU C 134 32.79 23.71 -8.06
N PHE C 135 31.93 24.28 -7.23
CA PHE C 135 30.54 24.11 -7.43
C PHE C 135 30.05 25.38 -8.11
N THR C 136 29.28 25.19 -9.17
CA THR C 136 28.60 26.40 -9.87
C THR C 136 27.16 26.00 -10.20
N PRO C 137 26.31 26.98 -10.56
CA PRO C 137 24.96 26.61 -10.99
C PRO C 137 24.92 25.60 -12.14
N ARG C 138 25.98 25.58 -12.95
N ARG C 138 25.98 25.58 -12.95
CA ARG C 138 26.03 24.65 -14.08
CA ARG C 138 26.05 24.66 -14.08
C ARG C 138 26.39 23.22 -13.71
C ARG C 138 26.39 23.22 -13.71
N ASN C 139 27.08 23.00 -12.59
CA ASN C 139 27.44 21.64 -12.22
C ASN C 139 26.81 21.17 -10.99
N ILE C 140 26.01 22.00 -10.34
CA ILE C 140 25.48 21.57 -9.00
C ILE C 140 24.51 20.38 -9.06
N GLU C 141 23.76 20.28 -10.14
CA GLU C 141 22.86 19.11 -10.36
C GLU C 141 23.46 18.02 -11.29
N THR C 142 24.79 17.82 -11.22
CA THR C 142 25.51 16.76 -11.97
C THR C 142 26.36 16.02 -10.97
N LEU C 143 27.25 15.15 -11.46
CA LEU C 143 28.21 14.39 -10.63
C LEU C 143 29.58 15.04 -10.58
N LEU C 144 29.74 16.18 -11.23
CA LEU C 144 31.06 16.72 -11.53
C LEU C 144 31.44 17.88 -10.66
N GLY C 145 30.53 18.33 -9.81
CA GLY C 145 30.84 19.47 -8.93
C GLY C 145 31.91 19.10 -7.91
N GLY C 146 32.83 20.00 -7.62
CA GLY C 146 33.79 19.76 -6.53
C GLY C 146 34.76 18.60 -6.76
N THR C 147 35.35 18.09 -5.69
CA THR C 147 36.33 17.02 -5.74
C THR C 147 35.96 15.91 -4.74
N GLU C 148 36.05 14.66 -5.15
CA GLU C 148 35.69 13.56 -4.29
C GLU C 148 36.68 13.53 -3.15
N ILE C 149 36.19 13.44 -1.93
CA ILE C 149 37.10 13.28 -0.79
C ILE C 149 36.92 11.93 -0.07
N GLY C 150 35.92 11.16 -0.44
CA GLY C 150 35.72 9.88 0.22
C GLY C 150 34.61 9.13 -0.46
N LYS C 151 34.63 7.81 -0.25
CA LYS C 151 33.68 6.89 -0.80
C LYS C 151 33.41 5.89 0.30
N PHE C 152 32.13 5.60 0.52
CA PHE C 152 31.72 4.81 1.65
C PHE C 152 30.70 3.79 1.19
N THR C 153 30.91 2.57 1.66
CA THR C 153 29.95 1.52 1.46
C THR C 153 29.29 1.06 2.78
N VAL C 154 27.98 1.11 2.83
CA VAL C 154 27.24 0.75 4.03
C VAL C 154 26.14 -0.27 3.76
N THR C 155 25.82 -1.04 4.78
CA THR C 155 24.77 -2.04 4.72
C THR C 155 23.72 -1.88 5.87
N PRO C 156 22.46 -1.56 5.53
CA PRO C 156 21.41 -1.61 6.55
C PRO C 156 21.20 -3.01 7.16
N LYS C 157 20.87 -3.07 8.44
CA LYS C 157 20.54 -4.34 9.08
C LYS C 157 19.04 -4.50 9.31
N SER C 158 18.25 -3.45 9.06
CA SER C 158 16.79 -3.52 9.20
C SER C 158 16.12 -2.97 7.97
N SER C 159 14.90 -3.45 7.72
CA SER C 159 14.12 -3.06 6.54
C SER C 159 13.37 -1.79 6.87
N GLY C 160 13.14 -0.96 5.85
CA GLY C 160 12.42 0.30 5.98
C GLY C 160 13.14 1.27 6.93
N SER C 161 14.47 1.20 6.92
CA SER C 161 15.29 2.03 7.79
C SER C 161 15.86 3.17 7.01
N MET C 162 16.49 4.06 7.73
CA MET C 162 17.16 5.21 7.18
C MET C 162 18.54 5.24 7.77
N PHE C 163 19.45 5.97 7.16
CA PHE C 163 20.72 6.24 7.82
C PHE C 163 20.70 7.71 8.14
N LEU C 164 21.02 8.03 9.36
CA LEU C 164 21.27 9.42 9.76
C LEU C 164 22.74 9.67 9.44
N VAL C 165 23.02 10.66 8.59
CA VAL C 165 24.34 10.87 8.09
C VAL C 165 24.87 12.19 8.61
N SER C 166 26.10 12.14 9.10
CA SER C 166 26.83 13.31 9.52
C SER C 166 28.23 13.38 8.92
N ALA C 167 28.46 14.38 8.08
CA ALA C 167 29.77 14.56 7.51
C ALA C 167 30.35 15.81 8.14
N ASP C 168 31.45 15.65 8.85
CA ASP C 168 32.11 16.78 9.58
C ASP C 168 33.57 16.95 9.13
N ILE C 169 33.73 17.87 8.20
CA ILE C 169 34.93 18.02 7.38
C ILE C 169 35.67 19.26 7.82
N ILE C 170 36.92 19.09 8.22
CA ILE C 170 37.85 20.25 8.42
C ILE C 170 38.38 20.80 7.10
N ALA C 171 38.17 22.13 6.87
CA ALA C 171 38.42 22.73 5.61
C ALA C 171 38.87 24.20 5.81
N SER C 172 39.77 24.64 4.95
CA SER C 172 40.23 26.02 4.88
C SER C 172 40.15 26.52 3.43
N ARG C 173 39.90 27.83 3.27
CA ARG C 173 40.02 28.44 1.97
C ARG C 173 40.15 29.91 2.25
N MET C 174 40.76 30.60 1.32
CA MET C 174 40.73 32.09 1.35
C MET C 174 39.29 32.50 1.39
N GLU C 175 39.01 33.49 2.24
CA GLU C 175 37.69 34.01 2.56
C GLU C 175 36.59 33.59 1.58
N GLY C 176 35.66 32.71 2.00
CA GLY C 176 34.56 32.33 1.18
C GLY C 176 33.84 31.07 1.56
N GLY C 177 32.98 30.63 0.65
CA GLY C 177 32.01 29.55 0.87
C GLY C 177 32.52 28.22 0.47
N VAL C 178 32.15 27.21 1.24
CA VAL C 178 32.46 25.82 0.95
C VAL C 178 31.11 25.11 0.62
N VAL C 179 31.13 24.18 -0.34
CA VAL C 179 29.96 23.40 -0.68
C VAL C 179 30.31 21.91 -0.49
N LEU C 180 29.36 21.16 0.05
CA LEU C 180 29.59 19.74 0.23
C LEU C 180 28.40 19.04 -0.48
N ALA C 181 28.65 17.93 -1.12
CA ALA C 181 27.60 17.17 -1.79
C ALA C 181 27.81 15.72 -1.56
N LEU C 182 26.79 15.08 -1.03
CA LEU C 182 26.76 13.63 -0.90
C LEU C 182 26.02 13.00 -2.11
N VAL C 183 26.65 12.03 -2.75
CA VAL C 183 26.14 11.43 -3.97
C VAL C 183 25.95 9.95 -3.70
N ARG C 184 24.82 9.41 -4.15
CA ARG C 184 24.57 7.97 -4.04
C ARG C 184 24.89 7.35 -5.41
N GLU C 185 25.61 6.26 -5.39
CA GLU C 185 26.06 5.58 -6.61
C GLU C 185 24.85 5.22 -7.43
N GLY C 186 24.90 5.50 -8.73
CA GLY C 186 23.77 5.18 -9.64
C GLY C 186 22.89 6.39 -9.89
N ASP C 187 22.92 7.39 -9.01
CA ASP C 187 22.12 8.59 -9.24
C ASP C 187 22.91 9.46 -10.18
N SER C 188 22.31 10.48 -10.74
CA SER C 188 23.00 11.37 -11.67
C SER C 188 23.15 12.77 -11.08
N LYS C 189 22.78 12.94 -9.81
CA LYS C 189 23.07 14.19 -9.12
C LYS C 189 23.07 13.99 -7.62
N PRO C 190 23.43 15.04 -6.86
CA PRO C 190 23.63 14.79 -5.41
C PRO C 190 22.35 14.44 -4.62
N TYR C 191 22.50 13.57 -3.64
CA TYR C 191 21.44 13.22 -2.72
C TYR C 191 21.18 14.32 -1.72
N ALA C 192 22.21 15.11 -1.41
CA ALA C 192 22.09 16.18 -0.43
C ALA C 192 23.28 17.09 -0.58
N ILE C 193 23.02 18.36 -0.32
CA ILE C 193 23.97 19.44 -0.54
C ILE C 193 23.96 20.31 0.71
N SER C 194 25.13 20.68 1.22
CA SER C 194 25.22 21.55 2.37
C SER C 194 26.32 22.63 2.10
N TYR C 195 26.48 23.55 3.04
CA TYR C 195 27.31 24.69 2.87
C TYR C 195 28.10 24.98 4.14
N GLY C 196 29.33 25.40 3.95
CA GLY C 196 30.20 25.77 5.03
C GLY C 196 30.97 27.02 4.71
N TYR C 197 31.85 27.41 5.62
CA TYR C 197 32.53 28.73 5.52
C TYR C 197 33.94 28.63 6.02
N SER C 198 34.84 29.34 5.38
CA SER C 198 36.16 29.58 6.03
C SER C 198 36.61 30.99 5.76
N SER C 199 37.25 31.56 6.77
CA SER C 199 37.77 32.91 6.68
C SER C 199 39.18 32.92 6.15
N GLY C 200 39.75 31.76 5.95
CA GLY C 200 41.18 31.66 5.84
C GLY C 200 41.72 30.60 6.77
N VAL C 201 41.19 30.48 7.96
CA VAL C 201 41.68 29.47 8.92
C VAL C 201 40.73 28.28 8.93
N PRO C 202 41.23 27.12 9.36
CA PRO C 202 40.37 25.94 9.23
C PRO C 202 39.07 26.12 10.03
N ASN C 203 37.99 25.54 9.53
CA ASN C 203 36.75 25.51 10.19
C ASN C 203 36.09 24.18 9.85
N LEU C 204 35.16 23.72 10.71
CA LEU C 204 34.36 22.54 10.44
C LEU C 204 33.24 22.87 9.45
N CYS C 205 33.13 22.12 8.38
CA CYS C 205 32.06 22.33 7.38
C CYS C 205 31.26 21.04 7.43
N SER C 206 29.94 21.13 7.59
CA SER C 206 29.14 19.94 7.84
C SER C 206 28.02 19.75 6.84
N LEU C 207 27.65 18.48 6.70
CA LEU C 207 26.48 18.08 5.93
C LEU C 207 25.76 17.08 6.82
N ARG C 208 24.47 17.31 7.04
CA ARG C 208 23.64 16.49 7.90
C ARG C 208 22.40 16.15 7.11
N THR C 209 22.09 14.87 7.01
CA THR C 209 20.97 14.44 6.20
C THR C 209 20.50 13.10 6.72
N ARG C 210 19.47 12.59 6.07
CA ARG C 210 19.04 11.23 6.28
C ARG C 210 18.94 10.57 4.92
N ILE C 211 19.31 9.31 4.88
CA ILE C 211 19.19 8.55 3.67
C ILE C 211 18.08 7.51 3.85
N ILE C 212 17.24 7.36 2.84
CA ILE C 212 16.23 6.29 2.84
C ILE C 212 16.84 5.05 2.23
N ASN C 213 16.91 3.96 3.00
CA ASN C 213 17.45 2.71 2.55
C ASN C 213 16.39 1.94 1.76
N THR C 214 16.84 1.13 0.81
CA THR C 214 15.95 0.43 -0.13
C THR C 214 16.18 -1.06 -0.17
N GLY C 215 16.75 -1.60 0.90
CA GLY C 215 16.95 -3.02 1.03
C GLY C 215 18.08 -3.26 1.99
N LEU C 216 18.65 -4.45 1.95
CA LEU C 216 19.64 -4.87 2.91
C LEU C 216 20.95 -5.13 2.19
N THR C 217 21.12 -4.53 1.01
CA THR C 217 22.29 -4.75 0.17
C THR C 217 23.31 -3.60 0.46
N PRO C 218 24.63 -3.90 0.52
CA PRO C 218 25.63 -2.81 0.55
C PRO C 218 25.34 -1.70 -0.49
N THR C 219 25.47 -0.45 -0.09
CA THR C 219 25.23 0.68 -1.02
C THR C 219 26.38 1.67 -0.86
N THR C 220 26.80 2.26 -1.97
CA THR C 220 27.96 3.10 -1.98
C THR C 220 27.62 4.56 -2.17
N TYR C 221 28.23 5.41 -1.35
CA TYR C 221 27.98 6.86 -1.41
C TYR C 221 29.35 7.52 -1.49
N SER C 222 29.38 8.75 -1.99
CA SER C 222 30.61 9.46 -1.99
C SER C 222 30.35 10.92 -1.57
N LEU C 223 31.38 11.57 -1.08
CA LEU C 223 31.28 12.98 -0.70
C LEU C 223 32.21 13.79 -1.50
N ARG C 224 31.71 14.93 -2.00
CA ARG C 224 32.49 15.82 -2.79
C ARG C 224 32.47 17.22 -2.15
N VAL C 225 33.61 17.87 -2.16
CA VAL C 225 33.81 19.21 -1.56
C VAL C 225 34.45 20.11 -2.55
N GLY C 226 34.03 21.37 -2.52
CA GLY C 226 34.59 22.39 -3.37
C GLY C 226 34.18 23.82 -3.01
N GLY C 227 34.86 24.77 -3.62
CA GLY C 227 34.44 26.16 -3.42
C GLY C 227 33.04 26.47 -3.97
N LEU C 228 32.37 27.44 -3.31
CA LEU C 228 31.15 27.99 -3.81
C LEU C 228 31.50 29.00 -4.90
N GLU C 229 31.33 28.63 -6.17
CA GLU C 229 31.58 29.51 -7.34
C GLU C 229 33.06 29.69 -7.66
N SER C 230 33.91 29.93 -6.68
CA SER C 230 35.30 30.09 -6.93
C SER C 230 36.12 29.75 -5.67
N GLY C 231 37.44 29.60 -5.86
CA GLY C 231 38.42 29.44 -4.80
C GLY C 231 38.77 27.96 -4.64
N VAL C 232 39.96 27.71 -4.17
CA VAL C 232 40.41 26.37 -3.84
C VAL C 232 40.12 26.07 -2.34
N VAL C 233 39.73 24.83 -2.05
CA VAL C 233 39.43 24.42 -0.73
C VAL C 233 40.38 23.32 -0.41
N TRP C 234 41.02 23.44 0.76
CA TRP C 234 41.84 22.39 1.30
C TRP C 234 41.08 21.65 2.44
N VAL C 235 40.97 20.34 2.35
CA VAL C 235 40.48 19.51 3.39
C VAL C 235 41.62 18.93 4.23
N ASN C 236 41.42 18.99 5.55
CA ASN C 236 42.38 18.62 6.54
C ASN C 236 43.72 19.35 6.41
N ALA C 237 43.72 20.64 6.07
CA ALA C 237 44.92 21.35 5.97
C ALA C 237 44.58 22.87 6.02
N LEU C 238 45.58 23.68 6.15
CA LEU C 238 45.52 25.16 6.09
C LEU C 238 45.24 25.56 4.69
N SER C 239 44.96 26.86 4.48
CA SER C 239 44.62 27.32 3.12
C SER C 239 45.81 27.29 2.10
N ASN C 240 47.04 27.18 2.60
CA ASN C 240 48.24 26.97 1.77
C ASN C 240 48.66 25.49 1.67
N GLY C 241 47.83 24.58 2.14
CA GLY C 241 48.14 23.12 2.04
C GLY C 241 48.99 22.55 3.12
N ASN C 242 49.54 23.38 3.99
CA ASN C 242 50.32 22.85 5.17
C ASN C 242 49.44 22.25 6.25
N ASP C 243 50.01 21.32 7.06
CA ASP C 243 49.34 20.71 8.12
C ASP C 243 48.81 21.69 9.14
N ILE C 244 47.60 21.47 9.59
CA ILE C 244 47.10 22.33 10.67
C ILE C 244 47.78 21.98 11.96
N LEU C 245 48.37 22.98 12.59
CA LEU C 245 49.08 22.74 13.91
C LEU C 245 50.15 21.68 13.86
N GLY C 246 50.59 21.35 12.67
CA GLY C 246 51.70 20.44 12.45
C GLY C 246 51.32 19.00 12.68
N ILE C 247 50.04 18.63 12.59
CA ILE C 247 49.65 17.24 12.86
C ILE C 247 48.74 16.78 11.75
N THR C 248 48.43 15.49 11.79
CA THR C 248 47.44 14.90 10.95
C THR C 248 46.07 15.22 11.59
N ASN C 249 45.10 15.67 10.80
CA ASN C 249 43.76 15.94 11.31
C ASN C 249 42.79 15.00 10.74
N THR C 250 41.63 14.89 11.37
CA THR C 250 40.63 13.88 11.05
C THR C 250 39.27 14.52 10.81
N SER C 251 38.76 14.31 9.61
CA SER C 251 37.41 14.63 9.30
C SER C 251 36.69 13.30 9.41
N ASN C 252 35.42 13.32 9.70
CA ASN C 252 34.61 12.10 9.83
C ASN C 252 33.32 12.15 9.02
N VAL C 253 32.92 11.02 8.45
CA VAL C 253 31.58 10.79 7.92
C VAL C 253 30.97 9.57 8.62
N SER C 254 29.87 9.77 9.33
CA SER C 254 29.22 8.68 10.03
C SER C 254 27.84 8.41 9.49
N PHE C 255 27.47 7.14 9.54
CA PHE C 255 26.16 6.66 9.13
C PHE C 255 25.55 5.85 10.30
N LEU C 256 24.41 6.29 10.76
CA LEU C 256 23.76 5.63 11.92
C LEU C 256 22.41 5.21 11.44
N GLU C 257 22.17 3.90 11.51
CA GLU C 257 20.86 3.37 11.07
C GLU C 257 19.78 3.70 12.13
N VAL C 258 18.66 4.24 11.67
CA VAL C 258 17.56 4.61 12.54
C VAL C 258 16.28 4.19 11.83
N ILE C 259 15.20 4.07 12.59
CA ILE C 259 13.90 3.58 12.08
C ILE C 259 12.87 4.67 12.21
N PRO C 260 12.32 5.17 11.09
CA PRO C 260 11.37 6.28 11.18
C PRO C 260 10.01 5.87 11.76
N GLN C 261 9.26 6.87 12.24
CA GLN C 261 7.83 6.81 12.67
C GLN C 261 6.88 7.07 11.52
N GLY D 2 -70.51 -94.95 10.97
CA GLY D 2 -70.92 -96.29 10.50
C GLY D 2 -72.25 -96.36 9.76
N ASN D 3 -72.52 -95.42 8.85
CA ASN D 3 -73.67 -95.53 7.94
C ASN D 3 -73.28 -94.93 6.56
N SER D 4 -73.74 -95.55 5.47
CA SER D 4 -73.42 -95.10 4.13
C SER D 4 -74.50 -95.55 3.17
N GLY D 5 -74.53 -94.94 2.00
CA GLY D 5 -75.50 -95.25 0.99
C GLY D 5 -75.82 -94.07 0.08
N PHE D 6 -77.08 -93.97 -0.29
CA PHE D 6 -77.54 -92.89 -1.16
C PHE D 6 -78.79 -92.31 -0.56
N TYR D 7 -79.04 -91.03 -0.84
CA TYR D 7 -80.26 -90.39 -0.38
C TYR D 7 -80.58 -89.15 -1.23
N LEU D 8 -81.83 -88.72 -1.15
CA LEU D 8 -82.30 -87.53 -1.86
C LEU D 8 -82.19 -86.31 -0.96
N TYR D 9 -81.56 -85.26 -1.48
CA TYR D 9 -81.58 -83.93 -0.85
C TYR D 9 -82.29 -83.01 -1.83
N ASN D 10 -83.40 -82.42 -1.38
CA ASN D 10 -84.48 -81.87 -2.24
C ASN D 10 -84.69 -82.75 -3.49
N THR D 11 -84.05 -82.35 -4.58
CA THR D 11 -84.24 -82.97 -5.87
C THR D 11 -82.98 -83.66 -6.41
N GLN D 12 -81.89 -83.80 -5.63
CA GLN D 12 -80.73 -84.54 -6.14
C GLN D 12 -80.31 -85.80 -5.34
N ASN D 13 -79.87 -86.80 -6.11
CA ASN D 13 -79.49 -88.09 -5.58
C ASN D 13 -78.02 -88.10 -5.17
N CYS D 14 -77.78 -88.18 -3.86
CA CYS D 14 -76.44 -88.01 -3.30
C CYS D 14 -75.92 -89.25 -2.64
N VAL D 15 -74.65 -89.53 -2.89
CA VAL D 15 -73.95 -90.52 -2.13
C VAL D 15 -73.60 -89.91 -0.78
N PHE D 16 -73.64 -90.72 0.27
CA PHE D 16 -73.17 -90.28 1.58
C PHE D 16 -72.44 -91.43 2.28
N ALA D 17 -71.50 -91.06 3.13
CA ALA D 17 -70.59 -91.99 3.79
C ALA D 17 -69.72 -91.26 4.80
N ASP D 18 -68.96 -92.00 5.59
CA ASP D 18 -68.07 -91.41 6.58
C ASP D 18 -66.83 -90.81 5.95
N ASN D 19 -66.37 -91.38 4.82
CA ASN D 19 -65.27 -90.78 4.12
C ASN D 19 -65.35 -90.84 2.58
N LEU D 105 -32.47 -28.73 -10.03
CA LEU D 105 -32.14 -27.81 -11.18
C LEU D 105 -33.12 -26.68 -11.24
N ASP D 106 -34.37 -26.96 -10.94
CA ASP D 106 -35.36 -25.92 -10.81
C ASP D 106 -35.08 -24.99 -9.63
N LYS D 107 -34.56 -25.52 -8.51
CA LYS D 107 -34.15 -24.61 -7.44
C LYS D 107 -33.03 -23.72 -7.88
N ILE D 108 -31.96 -24.33 -8.39
CA ILE D 108 -30.73 -23.60 -8.72
C ILE D 108 -30.94 -22.48 -9.72
N THR D 109 -31.77 -22.73 -10.71
CA THR D 109 -32.02 -21.76 -11.76
C THR D 109 -33.19 -20.81 -11.44
N THR D 110 -33.74 -20.85 -10.24
CA THR D 110 -34.83 -19.93 -9.85
C THR D 110 -34.78 -19.41 -8.41
N ASP D 111 -33.95 -19.97 -7.54
CA ASP D 111 -33.99 -19.60 -6.11
C ASP D 111 -33.16 -18.35 -5.87
N PRO D 112 -33.82 -17.24 -5.46
CA PRO D 112 -33.11 -15.97 -5.27
C PRO D 112 -32.20 -15.94 -4.06
N SER D 113 -32.34 -16.89 -3.15
CA SER D 113 -31.64 -16.86 -1.90
C SER D 113 -30.26 -17.53 -1.99
N LEU D 114 -30.05 -18.35 -3.02
CA LEU D 114 -28.78 -19.06 -3.16
C LEU D 114 -27.69 -18.15 -3.68
N GLY D 115 -28.07 -17.09 -4.39
CA GLY D 115 -27.18 -16.24 -5.10
C GLY D 115 -26.43 -16.81 -6.31
N LEU D 116 -27.01 -17.77 -7.05
CA LEU D 116 -26.49 -18.17 -8.35
C LEU D 116 -27.05 -17.42 -9.55
N LEU D 117 -28.16 -16.72 -9.38
CA LEU D 117 -28.81 -16.01 -10.49
C LEU D 117 -28.38 -14.58 -10.45
N LYS D 118 -27.85 -14.08 -11.57
CA LYS D 118 -27.37 -12.73 -11.66
C LYS D 118 -27.87 -12.03 -12.91
N ALA D 119 -28.68 -11.01 -12.72
CA ALA D 119 -29.14 -10.20 -13.83
C ALA D 119 -27.98 -9.42 -14.47
N PHE D 120 -28.05 -9.29 -15.80
CA PHE D 120 -27.29 -8.26 -16.53
C PHE D 120 -28.26 -7.49 -17.42
N ASN D 121 -28.06 -6.19 -17.50
CA ASN D 121 -28.82 -5.39 -18.47
C ASN D 121 -27.86 -4.42 -19.03
N ASN D 122 -27.88 -4.26 -20.33
CA ASN D 122 -27.15 -3.17 -20.96
C ASN D 122 -28.17 -2.25 -21.65
N PHE D 123 -27.99 -0.92 -21.56
CA PHE D 123 -28.86 0.03 -22.19
C PHE D 123 -28.06 0.94 -23.13
N PRO D 124 -28.19 0.71 -24.43
CA PRO D 124 -27.54 1.61 -25.38
C PRO D 124 -28.24 2.98 -25.45
N ILE D 125 -27.47 4.05 -25.58
CA ILE D 125 -27.98 5.39 -25.76
C ILE D 125 -27.33 5.93 -27.06
N THR D 126 -28.10 6.01 -28.14
CA THR D 126 -27.57 6.39 -29.46
C THR D 126 -27.95 7.78 -29.94
N ASN D 127 -28.91 8.38 -29.26
CA ASN D 127 -29.38 9.69 -29.66
C ASN D 127 -28.41 10.76 -29.31
N LYS D 128 -28.38 11.84 -30.08
CA LYS D 128 -27.56 13.01 -29.86
C LYS D 128 -28.32 13.96 -28.99
N ILE D 129 -27.77 14.32 -27.84
CA ILE D 129 -28.52 15.05 -26.84
C ILE D 129 -27.74 16.25 -26.49
N GLN D 130 -28.38 17.38 -26.54
CA GLN D 130 -27.75 18.62 -26.19
C GLN D 130 -28.00 18.85 -24.72
N CYS D 131 -26.94 18.87 -23.90
CA CYS D 131 -27.10 18.94 -22.43
C CYS D 131 -26.81 20.35 -22.02
N ASN D 132 -27.86 21.14 -21.89
CA ASN D 132 -27.74 22.56 -21.53
C ASN D 132 -27.75 22.73 -20.01
N GLY D 133 -28.28 21.74 -19.29
CA GLY D 133 -28.35 21.82 -17.84
C GLY D 133 -26.94 21.74 -17.28
N LEU D 134 -26.64 22.60 -16.33
CA LEU D 134 -25.28 22.69 -15.77
C LEU D 134 -25.28 21.95 -14.46
N PHE D 135 -24.10 21.53 -14.01
CA PHE D 135 -23.96 21.17 -12.62
C PHE D 135 -23.19 22.28 -11.87
N THR D 136 -23.76 22.73 -10.77
CA THR D 136 -23.19 23.75 -9.97
C THR D 136 -23.29 23.32 -8.49
N PRO D 137 -22.59 24.06 -7.58
CA PRO D 137 -22.77 23.74 -6.17
C PRO D 137 -24.19 23.90 -5.67
N ARG D 138 -24.97 24.76 -6.32
CA ARG D 138 -26.33 24.95 -5.89
C ARG D 138 -27.30 23.88 -6.34
N ASN D 139 -26.99 23.12 -7.39
CA ASN D 139 -27.92 22.13 -7.85
C ASN D 139 -27.37 20.73 -7.76
N ILE D 140 -26.11 20.59 -7.32
CA ILE D 140 -25.50 19.24 -7.35
C ILE D 140 -26.26 18.25 -6.43
N GLU D 141 -26.78 18.74 -5.32
N GLU D 141 -26.78 18.73 -5.31
CA GLU D 141 -27.57 17.93 -4.38
CA GLU D 141 -27.54 17.85 -4.42
C GLU D 141 -29.10 18.06 -4.53
C GLU D 141 -29.10 18.06 -4.52
N THR D 142 -29.57 18.29 -5.75
CA THR D 142 -30.99 18.30 -6.07
C THR D 142 -31.20 17.35 -7.26
N LEU D 143 -32.41 17.38 -7.85
CA LEU D 143 -32.74 16.59 -9.05
C LEU D 143 -32.62 17.38 -10.32
N LEU D 144 -32.16 18.62 -10.23
CA LEU D 144 -32.24 19.56 -11.37
C LEU D 144 -30.91 19.78 -12.06
N GLY D 145 -29.84 19.17 -11.58
CA GLY D 145 -28.59 19.31 -12.25
C GLY D 145 -28.57 18.64 -13.60
N GLY D 146 -27.91 19.27 -14.58
CA GLY D 146 -27.68 18.59 -15.87
C GLY D 146 -28.95 18.28 -16.63
N THR D 147 -28.85 17.40 -17.60
CA THR D 147 -29.95 17.01 -18.50
C THR D 147 -30.06 15.51 -18.52
N GLU D 148 -31.28 14.98 -18.48
CA GLU D 148 -31.47 13.50 -18.46
C GLU D 148 -31.15 12.92 -19.82
N ILE D 149 -30.34 11.85 -19.86
CA ILE D 149 -30.00 11.25 -21.10
C ILE D 149 -30.46 9.82 -21.19
N GLY D 150 -30.99 9.27 -20.11
CA GLY D 150 -31.50 7.92 -20.18
C GLY D 150 -32.11 7.55 -18.86
N LYS D 151 -33.03 6.60 -18.96
CA LYS D 151 -33.78 6.12 -17.81
C LYS D 151 -33.73 4.62 -17.94
N PHE D 152 -33.50 3.89 -16.85
CA PHE D 152 -33.24 2.45 -16.87
C PHE D 152 -33.95 1.76 -15.74
N THR D 153 -34.67 0.70 -16.08
CA THR D 153 -35.36 -0.12 -15.07
C THR D 153 -34.73 -1.47 -14.97
N VAL D 154 -34.32 -1.83 -13.78
CA VAL D 154 -33.66 -3.13 -13.60
C VAL D 154 -34.26 -3.91 -12.47
N THR D 155 -34.12 -5.23 -12.56
CA THR D 155 -34.65 -6.16 -11.57
C THR D 155 -33.61 -7.19 -11.10
N PRO D 156 -33.30 -7.19 -9.81
CA PRO D 156 -32.42 -8.21 -9.26
C PRO D 156 -33.05 -9.61 -9.36
N LYS D 157 -32.21 -10.64 -9.53
CA LYS D 157 -32.65 -11.99 -9.46
C LYS D 157 -32.24 -12.68 -8.17
N SER D 158 -31.40 -12.06 -7.36
CA SER D 158 -31.01 -12.65 -6.07
C SER D 158 -31.25 -11.62 -4.99
N SER D 159 -31.45 -12.12 -3.78
CA SER D 159 -31.68 -11.28 -2.61
C SER D 159 -30.34 -10.82 -2.06
N GLY D 160 -30.32 -9.60 -1.49
CA GLY D 160 -29.15 -9.05 -0.83
C GLY D 160 -28.02 -8.78 -1.81
N SER D 161 -28.37 -8.38 -3.02
CA SER D 161 -27.41 -8.22 -4.08
C SER D 161 -27.21 -6.72 -4.36
N MET D 162 -26.26 -6.46 -5.24
CA MET D 162 -25.90 -5.10 -5.68
C MET D 162 -25.85 -5.14 -7.17
N PHE D 163 -25.91 -4.00 -7.81
CA PHE D 163 -25.57 -3.94 -9.22
C PHE D 163 -24.30 -3.22 -9.27
N LEU D 164 -23.38 -3.76 -10.03
CA LEU D 164 -22.18 -3.04 -10.39
C LEU D 164 -22.60 -2.24 -11.64
N VAL D 165 -22.41 -0.96 -11.58
CA VAL D 165 -22.95 -0.04 -12.70
C VAL D 165 -21.82 0.65 -13.43
N SER D 166 -21.89 0.65 -14.77
CA SER D 166 -20.94 1.30 -15.60
C SER D 166 -21.62 2.13 -16.65
N ALA D 167 -21.44 3.41 -16.58
CA ALA D 167 -21.95 4.31 -17.62
C ALA D 167 -20.78 4.82 -18.39
N ASP D 168 -20.75 4.52 -19.67
CA ASP D 168 -19.71 4.94 -20.58
C ASP D 168 -20.32 5.81 -21.75
N ILE D 169 -20.18 7.11 -21.56
CA ILE D 169 -20.90 8.10 -22.37
C ILE D 169 -19.95 8.96 -23.23
N ILE D 170 -20.21 8.99 -24.55
CA ILE D 170 -19.46 9.76 -25.52
C ILE D 170 -19.96 11.18 -25.44
N ALA D 171 -19.06 12.12 -25.17
CA ALA D 171 -19.43 13.53 -24.96
C ALA D 171 -18.38 14.48 -25.51
N SER D 172 -18.85 15.62 -26.00
CA SER D 172 -17.99 16.70 -26.48
C SER D 172 -18.43 17.96 -25.81
N ARG D 173 -17.50 18.83 -25.55
CA ARG D 173 -17.82 20.22 -25.22
C ARG D 173 -16.61 21.00 -25.52
N MET D 174 -16.79 22.30 -25.71
CA MET D 174 -15.64 23.20 -25.71
C MET D 174 -14.87 22.99 -24.39
N GLU D 175 -13.55 23.00 -24.51
CA GLU D 175 -12.58 22.74 -23.44
C GLU D 175 -13.17 22.85 -22.04
N GLY D 176 -13.33 21.72 -21.34
CA GLY D 176 -13.77 21.80 -19.96
C GLY D 176 -14.21 20.49 -19.37
N GLY D 177 -14.82 20.60 -18.21
CA GLY D 177 -15.25 19.43 -17.43
C GLY D 177 -16.69 18.98 -17.69
N VAL D 178 -16.91 17.68 -17.57
CA VAL D 178 -18.22 17.04 -17.76
C VAL D 178 -18.62 16.35 -16.45
N VAL D 179 -19.87 16.46 -16.08
CA VAL D 179 -20.34 15.84 -14.88
C VAL D 179 -21.43 14.83 -15.22
N LEU D 180 -21.44 13.67 -14.54
CA LEU D 180 -22.41 12.65 -14.75
C LEU D 180 -23.05 12.31 -13.38
N ALA D 181 -24.36 12.16 -13.34
CA ALA D 181 -25.08 11.89 -12.10
C ALA D 181 -26.08 10.84 -12.32
N LEU D 182 -26.00 9.77 -11.55
CA LEU D 182 -26.97 8.74 -11.58
C LEU D 182 -27.97 9.02 -10.44
N VAL D 183 -29.26 9.00 -10.76
CA VAL D 183 -30.36 9.31 -9.76
C VAL D 183 -31.29 8.11 -9.65
N ARG D 184 -31.60 7.69 -8.42
CA ARG D 184 -32.52 6.65 -8.20
C ARG D 184 -33.90 7.26 -7.94
N GLU D 185 -34.88 6.74 -8.65
CA GLU D 185 -36.27 7.23 -8.60
C GLU D 185 -36.82 7.25 -7.21
N GLY D 186 -37.43 8.35 -6.85
CA GLY D 186 -37.92 8.61 -5.47
C GLY D 186 -36.94 9.43 -4.59
N ASP D 187 -35.64 9.44 -4.90
CA ASP D 187 -34.62 10.09 -4.01
C ASP D 187 -34.68 11.56 -4.39
N SER D 188 -34.07 12.44 -3.59
CA SER D 188 -34.13 13.86 -3.87
C SER D 188 -32.82 14.38 -4.38
N LYS D 189 -31.83 13.52 -4.52
CA LYS D 189 -30.55 13.91 -5.09
C LYS D 189 -29.86 12.71 -5.72
N PRO D 190 -28.66 12.89 -6.28
CA PRO D 190 -28.03 11.80 -6.97
C PRO D 190 -27.53 10.68 -6.09
N TYR D 191 -27.57 9.51 -6.62
CA TYR D 191 -26.99 8.33 -5.92
C TYR D 191 -25.43 8.28 -6.09
N ALA D 192 -24.94 8.84 -7.17
CA ALA D 192 -23.49 8.79 -7.53
C ALA D 192 -23.22 9.82 -8.59
N ILE D 193 -22.04 10.39 -8.51
CA ILE D 193 -21.62 11.48 -9.30
C ILE D 193 -20.19 11.17 -9.81
N SER D 194 -19.91 11.41 -11.09
CA SER D 194 -18.61 11.21 -11.63
C SER D 194 -18.28 12.33 -12.59
N TYR D 195 -17.05 12.34 -13.10
CA TYR D 195 -16.50 13.50 -13.79
C TYR D 195 -15.80 13.00 -14.99
N GLY D 196 -15.90 13.77 -16.06
CA GLY D 196 -15.18 13.47 -17.27
C GLY D 196 -14.63 14.78 -17.92
N TYR D 197 -14.07 14.64 -19.12
CA TYR D 197 -13.37 15.76 -19.76
C TYR D 197 -13.56 15.74 -21.27
N SER D 198 -13.68 16.92 -21.88
CA SER D 198 -13.50 17.03 -23.30
C SER D 198 -12.70 18.25 -23.64
N SER D 199 -11.79 18.07 -24.62
CA SER D 199 -10.98 19.16 -25.10
C SER D 199 -11.66 19.95 -26.19
N GLY D 200 -12.84 19.54 -26.60
CA GLY D 200 -13.42 20.05 -27.86
C GLY D 200 -13.80 18.94 -28.78
N VAL D 201 -13.07 17.85 -28.77
CA VAL D 201 -13.44 16.65 -29.53
C VAL D 201 -14.06 15.59 -28.60
N PRO D 202 -14.84 14.69 -29.18
CA PRO D 202 -15.49 13.68 -28.35
C PRO D 202 -14.50 12.82 -27.51
N ASN D 203 -14.98 12.45 -26.32
CA ASN D 203 -14.19 11.66 -25.38
C ASN D 203 -15.17 10.88 -24.55
N LEU D 204 -14.76 9.71 -24.14
CA LEU D 204 -15.58 8.93 -23.24
C LEU D 204 -15.54 9.52 -21.86
N CYS D 205 -16.70 9.69 -21.26
CA CYS D 205 -16.87 10.18 -19.88
C CYS D 205 -17.63 9.06 -19.09
N SER D 206 -17.15 8.68 -17.91
CA SER D 206 -17.61 7.47 -17.25
C SER D 206 -18.03 7.74 -15.82
N LEU D 207 -18.89 6.86 -15.35
CA LEU D 207 -19.39 6.81 -14.01
C LEU D 207 -19.39 5.34 -13.68
N ARG D 208 -18.77 5.00 -12.55
N ARG D 208 -18.80 5.01 -12.53
CA ARG D 208 -18.68 3.62 -12.08
CA ARG D 208 -18.67 3.63 -12.06
C ARG D 208 -19.09 3.60 -10.64
C ARG D 208 -19.09 3.61 -10.62
N THR D 209 -20.04 2.75 -10.28
CA THR D 209 -20.56 2.73 -8.92
C THR D 209 -21.18 1.40 -8.69
N ARG D 210 -21.70 1.21 -7.49
CA ARG D 210 -22.49 0.08 -7.14
C ARG D 210 -23.79 0.52 -6.52
N ILE D 211 -24.87 -0.22 -6.84
CA ILE D 211 -26.15 0.08 -6.24
C ILE D 211 -26.59 -1.09 -5.32
N ILE D 212 -27.12 -0.75 -4.18
CA ILE D 212 -27.58 -1.71 -3.22
C ILE D 212 -29.04 -1.93 -3.54
N ASN D 213 -29.38 -3.18 -3.82
CA ASN D 213 -30.72 -3.55 -4.15
C ASN D 213 -31.53 -3.76 -2.89
N THR D 214 -32.83 -3.50 -3.01
CA THR D 214 -33.75 -3.64 -1.90
C THR D 214 -34.72 -4.73 -2.45
N GLY D 215 -34.61 -5.95 -1.94
CA GLY D 215 -35.48 -7.00 -2.59
C GLY D 215 -35.36 -7.34 -4.11
N LEU D 216 -36.48 -7.79 -4.71
CA LEU D 216 -36.49 -8.28 -6.07
C LEU D 216 -37.35 -7.41 -6.97
N THR D 217 -37.54 -6.16 -6.58
CA THR D 217 -38.54 -5.28 -7.24
C THR D 217 -37.91 -4.44 -8.31
N PRO D 218 -38.56 -4.30 -9.51
CA PRO D 218 -37.96 -3.44 -10.51
C PRO D 218 -37.65 -2.12 -9.85
N THR D 219 -36.54 -1.49 -10.26
CA THR D 219 -36.21 -0.15 -9.79
C THR D 219 -35.69 0.69 -10.92
N THR D 220 -36.08 1.96 -10.93
CA THR D 220 -35.72 2.83 -12.02
C THR D 220 -34.64 3.83 -11.63
N TYR D 221 -33.66 4.01 -12.51
CA TYR D 221 -32.61 4.95 -12.31
C TYR D 221 -32.55 5.81 -13.54
N SER D 222 -31.95 6.98 -13.39
CA SER D 222 -31.74 7.80 -14.57
C SER D 222 -30.34 8.36 -14.55
N LEU D 223 -29.81 8.73 -15.73
CA LEU D 223 -28.53 9.35 -15.80
C LEU D 223 -28.67 10.74 -16.34
N ARG D 224 -28.04 11.71 -15.68
N ARG D 224 -28.04 11.71 -15.68
CA ARG D 224 -28.03 13.09 -16.14
CA ARG D 224 -28.02 13.09 -16.14
C ARG D 224 -26.57 13.49 -16.40
C ARG D 224 -26.57 13.49 -16.40
N VAL D 225 -26.40 14.32 -17.42
CA VAL D 225 -25.14 14.78 -17.85
C VAL D 225 -25.21 16.32 -18.04
N GLY D 226 -24.12 17.00 -17.64
CA GLY D 226 -23.96 18.43 -17.92
C GLY D 226 -22.59 18.99 -17.73
N GLY D 227 -22.42 20.26 -18.07
CA GLY D 227 -21.14 20.91 -17.84
C GLY D 227 -20.83 21.18 -16.36
N LEU D 228 -19.55 21.09 -16.02
CA LEU D 228 -19.08 21.46 -14.72
C LEU D 228 -19.06 22.98 -14.66
N GLU D 229 -20.00 23.58 -13.97
CA GLU D 229 -20.10 25.03 -13.75
C GLU D 229 -20.53 25.83 -14.96
N SER D 230 -20.02 25.49 -16.15
CA SER D 230 -20.48 26.13 -17.36
C SER D 230 -20.21 25.28 -18.58
N GLY D 231 -20.77 25.72 -19.71
CA GLY D 231 -20.57 25.11 -21.01
C GLY D 231 -21.69 24.14 -21.37
N VAL D 232 -21.94 23.98 -22.68
CA VAL D 232 -22.89 23.04 -23.21
C VAL D 232 -22.18 21.73 -23.52
N VAL D 233 -22.78 20.60 -23.18
CA VAL D 233 -22.22 19.31 -23.45
C VAL D 233 -23.12 18.59 -24.40
N TRP D 234 -22.54 18.04 -25.48
CA TRP D 234 -23.29 17.18 -26.39
C TRP D 234 -22.94 15.76 -26.12
N VAL D 235 -23.94 14.93 -26.03
CA VAL D 235 -23.78 13.48 -25.95
C VAL D 235 -23.98 12.85 -27.31
N ASN D 236 -23.06 11.95 -27.68
CA ASN D 236 -23.03 11.19 -28.95
C ASN D 236 -22.88 12.10 -30.17
N ALA D 237 -22.21 13.21 -30.02
CA ALA D 237 -22.12 14.15 -31.12
C ALA D 237 -20.93 15.01 -30.90
N LEU D 238 -20.52 15.74 -31.94
CA LEU D 238 -19.50 16.79 -31.88
C LEU D 238 -20.03 18.00 -31.14
N SER D 239 -19.16 18.94 -30.81
CA SER D 239 -19.52 20.04 -29.91
C SER D 239 -20.57 20.96 -30.54
N ASN D 240 -20.80 20.84 -31.84
CA ASN D 240 -21.85 21.62 -32.54
C ASN D 240 -23.11 20.81 -32.82
N GLY D 241 -23.18 19.57 -32.34
CA GLY D 241 -24.33 18.73 -32.58
C GLY D 241 -24.29 17.77 -33.76
N ASN D 242 -23.30 17.92 -34.61
CA ASN D 242 -23.17 17.05 -35.78
C ASN D 242 -22.67 15.68 -35.41
N ASP D 243 -22.92 14.75 -36.30
CA ASP D 243 -22.54 13.33 -36.12
C ASP D 243 -21.01 13.17 -36.04
N ILE D 244 -20.51 12.35 -35.10
CA ILE D 244 -19.07 12.10 -35.01
C ILE D 244 -18.67 11.16 -36.14
N LEU D 245 -17.71 11.58 -36.98
CA LEU D 245 -17.25 10.81 -38.13
C LEU D 245 -18.37 10.48 -39.15
N GLY D 246 -19.46 11.25 -39.10
CA GLY D 246 -20.60 11.05 -39.97
C GLY D 246 -21.50 9.88 -39.71
N ILE D 247 -21.47 9.28 -38.49
CA ILE D 247 -22.27 8.07 -38.22
C ILE D 247 -23.05 8.26 -36.93
N THR D 248 -23.89 7.29 -36.60
CA THR D 248 -24.56 7.27 -35.29
C THR D 248 -23.60 6.59 -34.33
N ASN D 249 -23.44 7.11 -33.12
CA ASN D 249 -22.55 6.54 -32.12
C ASN D 249 -23.34 6.05 -30.94
N THR D 250 -22.73 5.18 -30.14
CA THR D 250 -23.40 4.47 -29.07
C THR D 250 -22.72 4.61 -27.70
N SER D 251 -23.47 5.11 -26.71
CA SER D 251 -22.98 5.24 -25.34
C SER D 251 -23.70 4.13 -24.72
N ASN D 252 -23.18 3.64 -23.63
CA ASN D 252 -23.77 2.45 -22.97
C ASN D 252 -23.83 2.64 -21.44
N VAL D 253 -24.92 2.20 -20.84
CA VAL D 253 -25.03 2.04 -19.39
C VAL D 253 -25.36 0.56 -19.09
N SER D 254 -24.47 -0.10 -18.36
CA SER D 254 -24.69 -1.49 -18.01
C SER D 254 -24.83 -1.70 -16.49
N PHE D 255 -25.65 -2.72 -16.13
CA PHE D 255 -25.87 -3.13 -14.76
C PHE D 255 -25.54 -4.60 -14.70
N LEU D 256 -24.69 -4.97 -13.78
CA LEU D 256 -24.29 -6.39 -13.58
C LEU D 256 -24.51 -6.72 -12.11
N GLU D 257 -25.39 -7.63 -11.90
CA GLU D 257 -25.75 -8.06 -10.56
C GLU D 257 -24.60 -8.85 -9.97
N VAL D 258 -24.25 -8.48 -8.75
CA VAL D 258 -23.14 -9.15 -7.99
C VAL D 258 -23.57 -9.31 -6.53
N ILE D 259 -22.94 -10.23 -5.80
CA ILE D 259 -23.31 -10.56 -4.41
C ILE D 259 -22.18 -10.20 -3.46
N PRO D 260 -22.41 -9.25 -2.54
CA PRO D 260 -21.29 -8.84 -1.65
C PRO D 260 -20.97 -9.90 -0.61
N GLN D 261 -19.75 -9.86 -0.09
N GLN D 261 -19.73 -9.89 -0.10
CA GLN D 261 -19.28 -10.82 0.89
CA GLN D 261 -19.27 -10.88 0.91
C GLN D 261 -19.25 -10.23 2.29
C GLN D 261 -19.26 -10.21 2.29
N THR D 262 -18.26 -9.35 2.52
CA THR D 262 -18.10 -8.50 3.74
C THR D 262 -16.76 -7.73 3.49
N ASN D 263 -16.83 -6.40 3.33
CA ASN D 263 -15.64 -5.54 3.05
C ASN D 263 -14.54 -5.72 4.10
N MET E 1 -57.21 -102.65 -9.76
CA MET E 1 -57.99 -101.72 -10.63
C MET E 1 -59.25 -102.41 -11.16
N GLY E 2 -60.41 -101.83 -10.83
CA GLY E 2 -61.72 -102.22 -11.39
C GLY E 2 -62.83 -102.49 -10.37
N ASN E 3 -62.65 -101.95 -9.16
CA ASN E 3 -63.39 -102.37 -7.98
C ASN E 3 -63.97 -101.16 -7.23
N SER E 4 -65.21 -101.24 -6.75
CA SER E 4 -65.86 -100.09 -6.10
C SER E 4 -66.94 -100.56 -5.13
N GLY E 5 -67.41 -99.65 -4.27
CA GLY E 5 -68.47 -99.93 -3.33
C GLY E 5 -68.33 -99.14 -2.04
N PHE E 6 -68.61 -99.81 -0.93
CA PHE E 6 -68.44 -99.24 0.35
C PHE E 6 -67.66 -100.24 1.20
N TYR E 7 -66.90 -99.77 2.18
CA TYR E 7 -66.18 -100.66 3.08
C TYR E 7 -65.86 -100.00 4.40
N LEU E 8 -65.48 -100.82 5.38
CA LEU E 8 -65.10 -100.35 6.72
C LEU E 8 -63.61 -100.17 6.83
N TYR E 9 -63.19 -98.99 7.26
CA TYR E 9 -61.79 -98.70 7.61
C TYR E 9 -61.80 -98.35 9.09
N ASN E 10 -61.06 -99.14 9.87
CA ASN E 10 -61.06 -99.07 11.34
C ASN E 10 -62.47 -99.16 11.92
N THR E 11 -63.26 -98.11 11.69
CA THR E 11 -64.58 -97.92 12.33
C THR E 11 -65.53 -97.21 11.37
N GLN E 12 -64.96 -96.58 10.33
CA GLN E 12 -65.75 -95.68 9.49
C GLN E 12 -66.17 -96.34 8.18
N ASN E 13 -67.40 -96.07 7.78
CA ASN E 13 -68.00 -96.63 6.60
C ASN E 13 -67.72 -95.70 5.41
N CYS E 14 -66.88 -96.15 4.51
CA CYS E 14 -66.39 -95.30 3.44
C CYS E 14 -66.82 -95.75 2.08
N VAL E 15 -67.13 -94.79 1.21
CA VAL E 15 -67.26 -95.06 -0.21
C VAL E 15 -65.87 -95.21 -0.83
N PHE E 16 -65.72 -96.11 -1.80
CA PHE E 16 -64.45 -96.29 -2.51
C PHE E 16 -64.70 -96.64 -3.96
N ALA E 17 -63.74 -96.26 -4.81
CA ALA E 17 -63.81 -96.43 -6.26
C ALA E 17 -62.47 -96.00 -6.88
N ASP E 18 -62.31 -96.24 -8.18
CA ASP E 18 -61.12 -95.76 -8.88
C ASP E 18 -61.16 -94.25 -9.17
N ASN E 19 -62.36 -93.69 -9.37
CA ASN E 19 -62.49 -92.25 -9.64
C ASN E 19 -63.76 -91.61 -9.03
N THR E 100 -30.97 -35.23 0.39
CA THR E 100 -30.34 -35.27 -0.93
C THR E 100 -30.30 -33.88 -1.62
N VAL E 101 -31.39 -33.13 -1.52
CA VAL E 101 -31.46 -31.77 -2.05
C VAL E 101 -30.55 -30.90 -1.22
N GLN E 102 -30.79 -30.85 0.08
CA GLN E 102 -29.85 -30.21 1.01
C GLN E 102 -28.37 -30.62 0.83
N ASP E 103 -28.13 -31.87 0.45
CA ASP E 103 -26.77 -32.36 0.34
C ASP E 103 -26.06 -31.78 -0.87
N ILE E 104 -26.80 -31.52 -1.93
CA ILE E 104 -26.26 -30.84 -3.09
C ILE E 104 -26.11 -29.37 -2.72
N LEU E 105 -27.16 -28.79 -2.17
CA LEU E 105 -27.18 -27.40 -1.87
C LEU E 105 -26.04 -26.96 -0.98
N ASP E 106 -25.70 -27.74 0.03
CA ASP E 106 -24.51 -27.45 0.83
C ASP E 106 -23.17 -27.58 0.03
N LYS E 107 -23.07 -28.54 -0.88
CA LYS E 107 -21.93 -28.61 -1.80
C LYS E 107 -21.83 -27.32 -2.63
N ILE E 108 -22.91 -27.01 -3.33
CA ILE E 108 -22.96 -25.94 -4.31
C ILE E 108 -22.62 -24.60 -3.70
N THR E 109 -23.13 -24.36 -2.51
CA THR E 109 -22.98 -23.08 -1.86
C THR E 109 -21.73 -23.02 -0.97
N THR E 110 -20.88 -24.06 -1.01
CA THR E 110 -19.63 -24.01 -0.23
C THR E 110 -18.40 -24.62 -0.92
N ASP E 111 -18.55 -25.33 -2.03
CA ASP E 111 -17.41 -26.04 -2.65
C ASP E 111 -16.62 -25.08 -3.55
N PRO E 112 -15.35 -24.78 -3.18
CA PRO E 112 -14.55 -23.82 -3.96
C PRO E 112 -14.10 -24.35 -5.32
N SER E 113 -14.21 -25.66 -5.55
CA SER E 113 -13.64 -26.28 -6.74
C SER E 113 -14.63 -26.25 -7.89
N LEU E 114 -15.92 -26.05 -7.59
CA LEU E 114 -16.95 -26.04 -8.63
C LEU E 114 -16.95 -24.76 -9.43
N GLY E 115 -16.48 -23.69 -8.81
CA GLY E 115 -16.55 -22.40 -9.40
C GLY E 115 -17.91 -21.77 -9.57
N LEU E 116 -18.84 -22.03 -8.66
CA LEU E 116 -20.09 -21.28 -8.59
C LEU E 116 -20.06 -20.08 -7.62
N LEU E 117 -19.09 -20.04 -6.71
CA LEU E 117 -19.08 -19.03 -5.64
C LEU E 117 -18.13 -17.96 -6.07
N LYS E 118 -18.62 -16.72 -6.13
CA LYS E 118 -17.84 -15.60 -6.64
C LYS E 118 -17.91 -14.39 -5.73
N ALA E 119 -16.78 -14.03 -5.14
CA ALA E 119 -16.72 -12.90 -4.23
C ALA E 119 -16.83 -11.58 -5.02
N PHE E 120 -17.54 -10.64 -4.44
CA PHE E 120 -17.54 -9.24 -4.88
C PHE E 120 -17.31 -8.38 -3.64
N ASN E 121 -16.45 -7.40 -3.77
CA ASN E 121 -16.23 -6.41 -2.76
C ASN E 121 -16.09 -5.05 -3.48
N ASN E 122 -16.77 -4.04 -2.99
CA ASN E 122 -16.53 -2.66 -3.46
C ASN E 122 -16.01 -1.83 -2.31
N PHE E 123 -14.99 -0.98 -2.56
CA PHE E 123 -14.36 -0.19 -1.52
C PHE E 123 -14.47 1.26 -1.88
N PRO E 124 -15.32 2.03 -1.15
CA PRO E 124 -15.44 3.49 -1.52
C PRO E 124 -14.35 4.29 -0.88
N ILE E 125 -13.81 5.28 -1.57
CA ILE E 125 -12.77 6.10 -1.04
C ILE E 125 -13.34 7.50 -1.18
N THR E 126 -13.68 8.11 -0.08
CA THR E 126 -14.39 9.43 -0.11
C THR E 126 -13.59 10.56 0.49
N ASN E 127 -12.50 10.29 1.14
CA ASN E 127 -11.61 11.27 1.71
C ASN E 127 -10.81 11.97 0.65
N LYS E 128 -10.53 13.26 0.90
CA LYS E 128 -9.66 14.05 0.04
C LYS E 128 -8.22 13.77 0.37
N ILE E 129 -7.40 13.36 -0.61
CA ILE E 129 -6.02 12.96 -0.32
C ILE E 129 -5.08 13.73 -1.23
N GLN E 130 -4.13 14.40 -0.59
CA GLN E 130 -3.12 15.07 -1.26
C GLN E 130 -2.02 14.09 -1.63
N CYS E 131 -1.77 13.86 -2.92
CA CYS E 131 -0.79 12.90 -3.35
C CYS E 131 0.47 13.63 -3.79
N ASN E 132 1.44 13.74 -2.89
CA ASN E 132 2.69 14.46 -3.17
C ASN E 132 3.70 13.54 -3.87
N GLY E 133 3.55 12.24 -3.66
CA GLY E 133 4.52 11.32 -4.17
C GLY E 133 4.43 11.30 -5.68
N LEU E 134 5.58 11.21 -6.34
CA LEU E 134 5.64 11.21 -7.79
C LEU E 134 5.92 9.80 -8.26
N PHE E 135 5.59 9.54 -9.52
CA PHE E 135 6.05 8.37 -10.18
C PHE E 135 7.13 8.77 -11.21
N THR E 136 8.27 8.07 -11.14
CA THR E 136 9.38 8.32 -12.04
C THR E 136 9.93 6.99 -12.50
N PRO E 137 10.80 7.01 -13.51
CA PRO E 137 11.46 5.74 -13.87
C PRO E 137 12.25 5.05 -12.74
N ARG E 138 12.78 5.84 -11.84
CA ARG E 138 13.53 5.31 -10.69
C ARG E 138 12.70 4.73 -9.57
N ASN E 139 11.42 5.10 -9.45
CA ASN E 139 10.60 4.50 -8.40
C ASN E 139 9.42 3.73 -8.89
N ILE E 140 9.23 3.65 -10.21
CA ILE E 140 8.06 2.96 -10.71
C ILE E 140 8.07 1.48 -10.33
N GLU E 141 9.24 0.83 -10.29
CA GLU E 141 9.31 -0.59 -9.96
C GLU E 141 9.77 -0.83 -8.53
N THR E 142 9.31 0.03 -7.63
CA THR E 142 9.49 -0.14 -6.19
C THR E 142 8.15 0.04 -5.54
N LEU E 143 8.12 0.14 -4.22
CA LEU E 143 6.90 0.37 -3.46
C LEU E 143 6.69 1.83 -3.09
N LEU E 144 7.59 2.69 -3.52
CA LEU E 144 7.67 4.05 -3.00
C LEU E 144 7.10 5.06 -3.94
N GLY E 145 6.65 4.64 -5.10
CA GLY E 145 6.05 5.60 -6.05
C GLY E 145 4.71 6.14 -5.52
N GLY E 146 4.40 7.39 -5.80
CA GLY E 146 3.11 7.93 -5.49
C GLY E 146 2.77 7.93 -4.01
N THR E 147 1.47 8.09 -3.72
CA THR E 147 0.95 8.13 -2.32
C THR E 147 -0.19 7.09 -2.18
N GLU E 148 -0.16 6.32 -1.09
CA GLU E 148 -1.21 5.34 -0.84
C GLU E 148 -2.52 6.00 -0.61
N ILE E 149 -3.57 5.57 -1.31
CA ILE E 149 -4.91 6.11 -1.07
C ILE E 149 -5.90 5.09 -0.55
N GLY E 150 -5.52 3.82 -0.51
CA GLY E 150 -6.46 2.85 -0.01
C GLY E 150 -5.77 1.55 0.10
N LYS E 151 -6.32 0.73 0.95
CA LYS E 151 -5.80 -0.63 1.21
C LYS E 151 -7.05 -1.51 1.25
N PHE E 152 -7.01 -2.67 0.59
CA PHE E 152 -8.18 -3.50 0.46
C PHE E 152 -7.84 -4.95 0.73
N THR E 153 -8.69 -5.58 1.52
CA THR E 153 -8.50 -7.02 1.81
C THR E 153 -9.65 -7.86 1.25
N VAL E 154 -9.32 -8.83 0.42
CA VAL E 154 -10.31 -9.64 -0.26
C VAL E 154 -10.02 -11.11 -0.16
N THR E 155 -11.07 -11.91 -0.19
CA THR E 155 -10.99 -13.36 -0.11
C THR E 155 -11.68 -14.05 -1.27
N PRO E 156 -10.92 -14.77 -2.11
CA PRO E 156 -11.57 -15.57 -3.15
C PRO E 156 -12.45 -16.67 -2.53
N LYS E 157 -13.56 -16.98 -3.17
CA LYS E 157 -14.40 -18.11 -2.77
C LYS E 157 -14.19 -19.38 -3.65
N SER E 158 -13.49 -19.27 -4.77
CA SER E 158 -13.25 -20.39 -5.66
C SER E 158 -11.77 -20.50 -5.91
N SER E 159 -11.35 -21.70 -6.25
CA SER E 159 -9.95 -22.00 -6.58
C SER E 159 -9.71 -21.77 -8.05
N GLY E 160 -8.49 -21.35 -8.36
CA GLY E 160 -8.09 -21.06 -9.72
C GLY E 160 -8.85 -19.88 -10.31
N SER E 161 -9.18 -18.91 -9.45
CA SER E 161 -10.00 -17.77 -9.90
C SER E 161 -9.12 -16.58 -10.12
N MET E 162 -9.74 -15.53 -10.63
CA MET E 162 -9.12 -14.27 -10.77
C MET E 162 -10.05 -13.20 -10.15
N PHE E 163 -9.54 -12.03 -9.88
CA PHE E 163 -10.43 -10.91 -9.56
C PHE E 163 -10.29 -9.95 -10.71
N LEU E 164 -11.41 -9.50 -11.22
CA LEU E 164 -11.44 -8.43 -12.19
C LEU E 164 -11.49 -7.16 -11.31
N VAL E 165 -10.52 -6.29 -11.48
CA VAL E 165 -10.36 -5.15 -10.64
C VAL E 165 -10.65 -3.90 -11.46
N SER E 166 -11.42 -3.01 -10.88
CA SER E 166 -11.67 -1.69 -11.42
C SER E 166 -11.42 -0.64 -10.35
N ALA E 167 -10.43 0.18 -10.55
CA ALA E 167 -10.25 1.35 -9.72
C ALA E 167 -10.65 2.59 -10.50
N ASP E 168 -11.65 3.32 -9.99
CA ASP E 168 -12.15 4.53 -10.63
C ASP E 168 -12.05 5.74 -9.63
N ILE E 169 -10.99 6.53 -9.86
CA ILE E 169 -10.53 7.52 -8.91
C ILE E 169 -10.75 8.93 -9.51
N ILE E 170 -11.44 9.74 -8.78
CA ILE E 170 -11.62 11.16 -9.09
C ILE E 170 -10.38 11.91 -8.67
N ALA E 171 -9.74 12.59 -9.62
CA ALA E 171 -8.45 13.27 -9.37
C ALA E 171 -8.36 14.60 -10.14
N SER E 172 -7.64 15.56 -9.56
CA SER E 172 -7.34 16.87 -10.19
C SER E 172 -5.88 17.12 -10.03
N ARG E 173 -5.29 17.76 -10.99
CA ARG E 173 -3.92 18.29 -10.86
C ARG E 173 -3.81 19.36 -11.93
N MET E 174 -2.89 20.27 -11.73
CA MET E 174 -2.54 21.21 -12.78
C MET E 174 -2.12 20.38 -14.00
N GLU E 175 -2.55 20.83 -15.16
N GLU E 175 -2.59 20.81 -15.15
CA GLU E 175 -2.37 20.16 -16.47
CA GLU E 175 -2.43 20.14 -16.43
C GLU E 175 -1.30 19.07 -16.51
C GLU E 175 -1.31 19.08 -16.54
N GLY E 176 -1.69 17.80 -16.62
CA GLY E 176 -0.70 16.76 -16.71
C GLY E 176 -1.23 15.41 -16.41
N GLY E 177 -0.29 14.47 -16.29
CA GLY E 177 -0.60 13.06 -16.22
C GLY E 177 -0.67 12.50 -14.78
N VAL E 178 -1.51 11.48 -14.61
CA VAL E 178 -1.78 10.84 -13.37
C VAL E 178 -1.43 9.41 -13.52
N VAL E 179 -0.83 8.83 -12.47
CA VAL E 179 -0.40 7.46 -12.53
C VAL E 179 -1.00 6.73 -11.39
N LEU E 180 -1.45 5.48 -11.64
CA LEU E 180 -2.11 4.69 -10.61
C LEU E 180 -1.38 3.39 -10.58
N ALA E 181 -1.13 2.88 -9.40
CA ALA E 181 -0.42 1.60 -9.24
C ALA E 181 -1.08 0.80 -8.18
N LEU E 182 -1.40 -0.42 -8.52
CA LEU E 182 -1.97 -1.36 -7.59
C LEU E 182 -0.83 -2.27 -7.13
N VAL E 183 -0.70 -2.46 -5.82
CA VAL E 183 0.36 -3.24 -5.25
C VAL E 183 -0.30 -4.40 -4.50
N ARG E 184 0.23 -5.59 -4.63
CA ARG E 184 -0.12 -6.74 -3.76
C ARG E 184 0.86 -6.87 -2.63
N GLU E 185 0.35 -7.02 -1.41
CA GLU E 185 1.16 -7.19 -0.20
C GLU E 185 2.12 -8.33 -0.34
N GLY E 186 3.36 -8.10 0.04
CA GLY E 186 4.44 -9.09 -0.10
C GLY E 186 5.32 -8.86 -1.33
N ASP E 187 4.79 -8.21 -2.36
CA ASP E 187 5.54 -8.06 -3.61
C ASP E 187 6.43 -6.85 -3.39
N SER E 188 7.45 -6.67 -4.22
CA SER E 188 8.32 -5.53 -4.08
C SER E 188 8.10 -4.50 -5.15
N LYS E 189 7.08 -4.68 -5.97
CA LYS E 189 6.72 -3.60 -6.97
C LYS E 189 5.27 -3.75 -7.36
N PRO E 190 4.76 -2.84 -8.21
CA PRO E 190 3.34 -2.91 -8.47
C PRO E 190 2.92 -4.12 -9.26
N TYR E 191 1.70 -4.60 -8.99
CA TYR E 191 1.04 -5.63 -9.80
C TYR E 191 0.49 -5.07 -11.15
N ALA E 192 0.14 -3.81 -11.19
CA ALA E 192 -0.43 -3.20 -12.38
C ALA E 192 -0.33 -1.71 -12.22
N ILE E 193 -0.28 -1.02 -13.38
CA ILE E 193 -0.05 0.36 -13.46
C ILE E 193 -1.00 0.95 -14.54
N SER E 194 -1.55 2.14 -14.29
CA SER E 194 -2.45 2.74 -15.31
C SER E 194 -2.26 4.22 -15.26
N TYR E 195 -2.89 4.86 -16.21
CA TYR E 195 -2.59 6.37 -16.47
C TYR E 195 -3.84 7.03 -16.64
N GLY E 196 -3.87 8.31 -16.18
CA GLY E 196 -5.00 9.14 -16.34
C GLY E 196 -4.57 10.58 -16.63
N TYR E 197 -5.54 11.46 -16.62
CA TYR E 197 -5.26 12.87 -17.04
C TYR E 197 -6.14 13.85 -16.32
N SER E 198 -5.59 15.00 -15.95
CA SER E 198 -6.41 16.11 -15.60
C SER E 198 -5.90 17.37 -16.23
N SER E 199 -6.85 18.20 -16.66
CA SER E 199 -6.55 19.50 -17.22
C SER E 199 -6.46 20.55 -16.16
N GLY E 200 -6.70 20.21 -14.90
CA GLY E 200 -6.85 21.23 -13.87
C GLY E 200 -8.14 20.99 -13.10
N VAL E 201 -9.18 20.55 -13.79
CA VAL E 201 -10.41 20.30 -13.17
C VAL E 201 -10.48 18.76 -12.95
N PRO E 202 -11.20 18.39 -11.92
CA PRO E 202 -11.35 16.90 -11.69
C PRO E 202 -11.76 16.05 -12.90
N ASN E 203 -11.22 14.82 -12.96
CA ASN E 203 -11.50 13.92 -13.97
C ASN E 203 -11.36 12.51 -13.40
N LEU E 204 -12.08 11.56 -13.98
CA LEU E 204 -11.94 10.15 -13.57
C LEU E 204 -10.65 9.55 -14.15
N CYS E 205 -9.87 8.86 -13.33
CA CYS E 205 -8.64 8.19 -13.68
C CYS E 205 -8.81 6.73 -13.28
N SER E 206 -8.56 5.82 -14.18
CA SER E 206 -8.89 4.46 -13.96
C SER E 206 -7.75 3.51 -14.15
N LEU E 207 -7.91 2.37 -13.50
CA LEU E 207 -7.00 1.26 -13.56
C LEU E 207 -7.93 0.07 -13.65
N ARG E 208 -7.69 -0.76 -14.65
N ARG E 208 -7.71 -0.76 -14.66
CA ARG E 208 -8.45 -1.95 -14.88
CA ARG E 208 -8.49 -1.94 -14.91
C ARG E 208 -7.47 -3.07 -15.06
C ARG E 208 -7.49 -3.06 -15.07
N THR E 209 -7.65 -4.15 -14.32
CA THR E 209 -6.74 -5.24 -14.41
C THR E 209 -7.44 -6.48 -13.90
N ARG E 210 -6.70 -7.59 -13.89
CA ARG E 210 -7.11 -8.83 -13.38
C ARG E 210 -6.03 -9.42 -12.51
N ILE E 211 -6.44 -10.02 -11.39
CA ILE E 211 -5.48 -10.51 -10.41
C ILE E 211 -5.67 -11.97 -10.43
N ILE E 212 -4.54 -12.68 -10.46
CA ILE E 212 -4.57 -14.11 -10.37
C ILE E 212 -4.52 -14.46 -8.91
N ASN E 213 -5.52 -15.22 -8.44
CA ASN E 213 -5.59 -15.61 -7.03
C ASN E 213 -4.81 -16.89 -6.82
N THR E 214 -4.27 -17.03 -5.62
CA THR E 214 -3.36 -18.12 -5.31
C THR E 214 -3.78 -18.89 -4.08
N GLY E 215 -5.06 -18.83 -3.74
CA GLY E 215 -5.64 -19.64 -2.68
C GLY E 215 -6.92 -19.00 -2.22
N LEU E 216 -7.37 -19.38 -1.04
CA LEU E 216 -8.67 -18.97 -0.54
C LEU E 216 -8.49 -18.18 0.73
N THR E 217 -7.29 -17.65 0.92
CA THR E 217 -6.93 -16.90 2.11
C THR E 217 -7.17 -15.38 1.81
N PRO E 218 -7.66 -14.62 2.80
CA PRO E 218 -7.62 -13.11 2.63
C PRO E 218 -6.28 -12.57 2.09
N THR E 219 -6.34 -11.65 1.12
CA THR E 219 -5.13 -11.08 0.57
C THR E 219 -5.32 -9.56 0.54
N THR E 220 -4.27 -8.84 0.84
CA THR E 220 -4.33 -7.39 0.89
C THR E 220 -3.65 -6.73 -0.30
N TYR E 221 -4.32 -5.70 -0.84
CA TYR E 221 -3.81 -4.94 -1.98
C TYR E 221 -3.89 -3.49 -1.59
N SER E 222 -3.08 -2.67 -2.21
CA SER E 222 -3.16 -1.24 -1.95
C SER E 222 -3.05 -0.46 -3.28
N LEU E 223 -3.62 0.75 -3.30
CA LEU E 223 -3.61 1.61 -4.52
C LEU E 223 -2.87 2.83 -4.18
N ARG E 224 -1.88 3.16 -5.01
CA ARG E 224 -1.11 4.36 -4.92
C ARG E 224 -1.34 5.24 -6.17
N VAL E 225 -1.36 6.54 -5.95
CA VAL E 225 -1.64 7.51 -6.94
C VAL E 225 -0.60 8.61 -6.85
N GLY E 226 -0.13 9.10 -8.02
CA GLY E 226 0.73 10.27 -8.07
C GLY E 226 0.90 10.89 -9.42
N GLY E 227 1.58 12.01 -9.45
CA GLY E 227 1.89 12.60 -10.75
C GLY E 227 2.90 11.81 -11.60
N LEU E 228 2.71 11.91 -12.89
CA LEU E 228 3.64 11.34 -13.86
C LEU E 228 4.83 12.28 -13.97
N GLU E 229 5.95 11.89 -13.40
CA GLU E 229 7.18 12.70 -13.40
C GLU E 229 7.15 13.97 -12.55
N SER E 230 6.05 14.72 -12.54
CA SER E 230 5.93 15.86 -11.68
C SER E 230 4.48 16.21 -11.35
N GLY E 231 4.30 17.13 -10.41
CA GLY E 231 2.98 17.71 -10.08
C GLY E 231 2.37 17.03 -8.86
N VAL E 232 1.51 17.75 -8.14
CA VAL E 232 0.73 17.26 -7.04
C VAL E 232 -0.63 16.85 -7.54
N VAL E 233 -1.11 15.71 -7.10
CA VAL E 233 -2.44 15.21 -7.49
C VAL E 233 -3.29 15.20 -6.25
N TRP E 234 -4.51 15.73 -6.31
CA TRP E 234 -5.53 15.57 -5.29
C TRP E 234 -6.58 14.57 -5.70
N VAL E 235 -6.88 13.58 -4.84
CA VAL E 235 -7.88 12.66 -5.04
C VAL E 235 -9.13 13.21 -4.32
N ASN E 236 -10.28 13.11 -5.00
CA ASN E 236 -11.61 13.54 -4.52
C ASN E 236 -11.67 15.00 -4.15
N ALA E 237 -10.86 15.80 -4.80
CA ALA E 237 -10.88 17.20 -4.49
C ALA E 237 -10.42 17.96 -5.68
N LEU E 238 -10.63 19.29 -5.66
CA LEU E 238 -10.11 20.21 -6.67
C LEU E 238 -8.59 20.31 -6.48
N SER E 239 -7.92 20.98 -7.38
CA SER E 239 -6.45 21.04 -7.25
C SER E 239 -5.91 21.71 -6.05
N ASN E 240 -6.72 22.56 -5.45
CA ASN E 240 -6.33 23.27 -4.26
C ASN E 240 -6.79 22.57 -3.00
N GLY E 241 -7.34 21.34 -3.13
CA GLY E 241 -7.79 20.62 -1.92
C GLY E 241 -9.20 20.84 -1.46
N ASN E 242 -9.90 21.79 -2.06
CA ASN E 242 -11.28 22.01 -1.73
C ASN E 242 -12.21 20.96 -2.31
N ASP E 243 -13.41 20.88 -1.73
CA ASP E 243 -14.47 19.98 -2.17
C ASP E 243 -14.93 20.28 -3.59
N ILE E 244 -15.06 19.24 -4.40
CA ILE E 244 -15.60 19.41 -5.71
C ILE E 244 -17.10 19.69 -5.64
N LEU E 245 -17.53 20.82 -6.22
CA LEU E 245 -18.92 21.22 -6.19
C LEU E 245 -19.47 21.30 -4.73
N GLY E 246 -18.58 21.43 -3.76
CA GLY E 246 -18.94 21.67 -2.35
C GLY E 246 -19.46 20.43 -1.66
N ILE E 247 -19.18 19.22 -2.20
CA ILE E 247 -19.75 17.99 -1.61
C ILE E 247 -18.68 17.00 -1.36
N THR E 248 -19.00 15.90 -0.68
CA THR E 248 -18.04 14.82 -0.68
C THR E 248 -18.25 13.98 -1.98
N ASN E 249 -17.15 13.53 -2.57
CA ASN E 249 -17.19 12.74 -3.80
C ASN E 249 -16.61 11.38 -3.52
N THR E 250 -16.95 10.45 -4.39
CA THR E 250 -16.64 9.01 -4.09
C THR E 250 -15.85 8.45 -5.22
N SER E 251 -14.68 7.96 -4.92
CA SER E 251 -13.93 7.19 -5.84
C SER E 251 -14.22 5.76 -5.40
N ASN E 252 -14.20 4.82 -6.32
CA ASN E 252 -14.42 3.35 -5.96
C ASN E 252 -13.36 2.40 -6.48
N VAL E 253 -13.09 1.30 -5.71
CA VAL E 253 -12.26 0.24 -6.16
C VAL E 253 -13.02 -1.07 -5.95
N SER E 254 -13.33 -1.76 -7.05
CA SER E 254 -14.14 -2.98 -6.96
C SER E 254 -13.37 -4.19 -7.41
N PHE E 255 -13.67 -5.30 -6.78
CA PHE E 255 -13.05 -6.58 -7.05
C PHE E 255 -14.19 -7.53 -7.34
N LEU E 256 -14.20 -8.13 -8.50
CA LEU E 256 -15.18 -9.08 -8.88
C LEU E 256 -14.47 -10.41 -9.21
N GLU E 257 -14.84 -11.48 -8.51
CA GLU E 257 -14.26 -12.78 -8.73
C GLU E 257 -14.83 -13.41 -9.99
N VAL E 258 -13.93 -13.87 -10.87
CA VAL E 258 -14.30 -14.50 -12.14
C VAL E 258 -13.42 -15.73 -12.35
N ILE E 259 -13.87 -16.64 -13.22
CA ILE E 259 -13.18 -17.91 -13.47
C ILE E 259 -12.67 -17.95 -14.93
N PRO E 260 -11.34 -17.93 -15.13
CA PRO E 260 -10.83 -18.04 -16.51
C PRO E 260 -11.06 -19.38 -17.22
N GLN E 261 -10.94 -19.34 -18.54
CA GLN E 261 -10.71 -20.54 -19.35
C GLN E 261 -9.23 -20.80 -19.59
N ASN F 3 -79.87 -89.38 -10.11
CA ASN F 3 -79.41 -90.79 -10.19
C ASN F 3 -77.94 -91.00 -9.82
N SER F 4 -77.65 -92.22 -9.36
CA SER F 4 -76.42 -92.50 -8.65
C SER F 4 -76.08 -93.98 -8.56
N GLY F 5 -74.85 -94.28 -8.21
CA GLY F 5 -74.37 -95.68 -8.11
C GLY F 5 -72.91 -95.85 -8.46
N PHE F 6 -72.60 -96.94 -9.16
CA PHE F 6 -71.25 -97.16 -9.68
C PHE F 6 -71.33 -97.52 -11.16
N TYR F 7 -70.28 -97.22 -11.92
CA TYR F 7 -70.26 -97.57 -13.34
C TYR F 7 -68.84 -97.61 -13.88
N LEU F 8 -68.69 -98.24 -15.04
CA LEU F 8 -67.40 -98.35 -15.71
C LEU F 8 -67.25 -97.24 -16.72
N TYR F 9 -66.13 -96.52 -16.63
CA TYR F 9 -65.70 -95.56 -17.64
C TYR F 9 -64.38 -96.07 -18.20
N ASN F 10 -64.38 -96.37 -19.51
CA ASN F 10 -63.44 -97.32 -20.15
C ASN F 10 -63.13 -98.49 -19.19
N THR F 11 -62.04 -98.37 -18.43
CA THR F 11 -61.57 -99.41 -17.54
C THR F 11 -61.51 -98.98 -16.06
N GLN F 12 -62.09 -97.83 -15.69
CA GLN F 12 -62.15 -97.42 -14.27
C GLN F 12 -63.55 -97.66 -13.70
N ASN F 13 -63.62 -98.29 -12.52
CA ASN F 13 -64.87 -98.46 -11.77
C ASN F 13 -65.10 -97.24 -10.89
N CYS F 14 -66.11 -96.44 -11.26
CA CYS F 14 -66.29 -95.11 -10.67
C CYS F 14 -67.57 -95.00 -9.92
N VAL F 15 -67.52 -94.33 -8.77
CA VAL F 15 -68.73 -93.89 -8.09
C VAL F 15 -69.31 -92.67 -8.82
N PHE F 16 -70.63 -92.57 -8.90
CA PHE F 16 -71.23 -91.39 -9.47
C PHE F 16 -72.48 -91.02 -8.69
N ALA F 17 -72.79 -89.73 -8.73
CA ALA F 17 -73.94 -89.13 -8.04
C ALA F 17 -74.07 -87.64 -8.41
N ASP F 18 -75.15 -87.00 -7.97
CA ASP F 18 -75.31 -85.55 -8.17
C ASP F 18 -74.46 -84.73 -7.23
N ASN F 19 -74.21 -85.24 -6.02
CA ASN F 19 -73.38 -84.50 -5.02
C ASN F 19 -72.48 -85.38 -4.13
N LEU F 105 -24.35 -32.64 -10.80
CA LEU F 105 -23.00 -32.10 -11.06
C LEU F 105 -22.48 -32.18 -12.50
N ASP F 106 -22.66 -33.30 -13.17
CA ASP F 106 -22.31 -33.37 -14.60
C ASP F 106 -23.17 -32.45 -15.43
N LYS F 107 -24.44 -32.33 -15.08
CA LYS F 107 -25.31 -31.39 -15.76
C LYS F 107 -24.76 -29.95 -15.59
N ILE F 108 -24.59 -29.55 -14.33
CA ILE F 108 -24.19 -28.19 -14.00
C ILE F 108 -22.88 -27.75 -14.64
N THR F 109 -21.92 -28.66 -14.68
CA THR F 109 -20.60 -28.35 -15.17
C THR F 109 -20.46 -28.60 -16.67
N THR F 110 -21.55 -28.95 -17.37
CA THR F 110 -21.47 -29.13 -18.82
C THR F 110 -22.68 -28.61 -19.61
N ASP F 111 -23.80 -28.26 -18.95
CA ASP F 111 -25.03 -27.87 -19.66
C ASP F 111 -25.04 -26.36 -20.02
N PRO F 112 -24.97 -26.03 -21.32
CA PRO F 112 -25.00 -24.63 -21.72
C PRO F 112 -26.35 -23.91 -21.54
N SER F 113 -27.42 -24.66 -21.32
CA SER F 113 -28.76 -24.11 -21.40
C SER F 113 -29.18 -23.56 -20.05
N LEU F 114 -28.47 -23.94 -18.99
CA LEU F 114 -28.80 -23.53 -17.62
C LEU F 114 -28.91 -22.08 -17.03
N GLY F 115 -28.06 -21.09 -17.20
CA GLY F 115 -26.68 -21.13 -17.56
C GLY F 115 -25.83 -20.58 -16.40
N LEU F 116 -25.19 -21.56 -15.81
CA LEU F 116 -24.24 -21.38 -14.74
C LEU F 116 -22.80 -21.26 -15.20
N LEU F 117 -22.52 -21.62 -16.45
CA LEU F 117 -21.16 -21.60 -16.96
C LEU F 117 -20.96 -20.27 -17.64
N LYS F 118 -19.97 -19.53 -17.18
CA LYS F 118 -19.65 -18.22 -17.73
C LYS F 118 -18.18 -18.12 -18.04
N ALA F 119 -17.87 -17.97 -19.30
CA ALA F 119 -16.51 -17.74 -19.72
C ALA F 119 -16.01 -16.33 -19.22
N PHE F 120 -14.75 -16.27 -18.83
CA PHE F 120 -13.98 -15.00 -18.75
C PHE F 120 -12.67 -15.17 -19.49
N ASN F 121 -12.33 -14.18 -20.31
CA ASN F 121 -11.04 -14.16 -20.96
C ASN F 121 -10.48 -12.78 -20.87
N ASN F 122 -9.24 -12.67 -20.44
CA ASN F 122 -8.58 -11.42 -20.51
C ASN F 122 -7.43 -11.54 -21.55
N PHE F 123 -7.20 -10.49 -22.33
CA PHE F 123 -6.09 -10.48 -23.31
C PHE F 123 -5.19 -9.30 -23.05
N PRO F 124 -4.01 -9.56 -22.50
CA PRO F 124 -3.12 -8.42 -22.25
C PRO F 124 -2.43 -8.02 -23.53
N ILE F 125 -2.25 -6.73 -23.73
CA ILE F 125 -1.52 -6.19 -24.87
C ILE F 125 -0.40 -5.37 -24.24
N THR F 126 0.83 -5.89 -24.33
CA THR F 126 1.99 -5.22 -23.72
C THR F 126 3.01 -4.61 -24.71
N ASN F 127 2.90 -4.97 -25.97
CA ASN F 127 3.73 -4.36 -26.97
C ASN F 127 3.38 -2.91 -27.22
N LYS F 128 4.37 -2.17 -27.65
CA LYS F 128 4.16 -0.83 -28.14
C LYS F 128 3.77 -0.91 -29.58
N ILE F 129 2.70 -0.20 -29.97
CA ILE F 129 2.28 -0.22 -31.31
C ILE F 129 2.14 1.22 -31.81
N GLN F 130 2.75 1.50 -32.96
CA GLN F 130 2.66 2.80 -33.60
C GLN F 130 1.42 2.73 -34.51
N CYS F 131 0.39 3.56 -34.25
CA CYS F 131 -0.89 3.45 -34.97
C CYS F 131 -0.93 4.63 -35.91
N ASN F 132 -0.47 4.39 -37.14
CA ASN F 132 -0.42 5.38 -38.19
C ASN F 132 -1.76 5.46 -38.90
N GLY F 133 -2.55 4.40 -38.83
CA GLY F 133 -3.89 4.40 -39.48
C GLY F 133 -4.77 5.41 -38.81
N LEU F 134 -5.46 6.20 -39.62
CA LEU F 134 -6.34 7.24 -39.11
C LEU F 134 -7.76 6.74 -39.14
N PHE F 135 -8.62 7.36 -38.35
CA PHE F 135 -10.03 7.17 -38.54
C PHE F 135 -10.59 8.44 -39.14
N THR F 136 -11.37 8.28 -40.22
CA THR F 136 -12.00 9.44 -40.91
C THR F 136 -13.42 9.06 -41.25
N PRO F 137 -14.23 10.04 -41.67
CA PRO F 137 -15.60 9.67 -42.12
C PRO F 137 -15.61 8.68 -43.28
N ARG F 138 -14.55 8.68 -44.08
CA ARG F 138 -14.50 7.77 -45.21
C ARG F 138 -14.11 6.35 -44.87
N ASN F 139 -13.43 6.12 -43.74
CA ASN F 139 -13.03 4.73 -43.43
C ASN F 139 -13.65 4.25 -42.17
N ILE F 140 -14.46 5.07 -41.51
CA ILE F 140 -15.01 4.60 -40.21
C ILE F 140 -15.92 3.38 -40.34
N GLU F 141 -16.72 3.30 -41.41
CA GLU F 141 -17.60 2.18 -41.67
C GLU F 141 -16.99 1.15 -42.63
N THR F 142 -15.66 0.93 -42.54
CA THR F 142 -14.96 -0.14 -43.27
C THR F 142 -14.13 -0.93 -42.29
N LEU F 143 -13.28 -1.82 -42.79
CA LEU F 143 -12.34 -2.59 -41.96
C LEU F 143 -10.95 -1.96 -41.89
N LEU F 144 -10.77 -0.79 -42.50
CA LEU F 144 -9.44 -0.28 -42.73
C LEU F 144 -9.07 0.89 -41.85
N GLY F 145 -10.00 1.34 -40.99
CA GLY F 145 -9.70 2.48 -40.12
C GLY F 145 -8.69 2.11 -39.06
N GLY F 146 -7.79 3.02 -38.73
CA GLY F 146 -6.82 2.80 -37.64
C GLY F 146 -5.87 1.62 -37.88
N THR F 147 -5.28 1.11 -36.81
CA THR F 147 -4.30 0.01 -36.91
C THR F 147 -4.70 -1.06 -35.95
N GLU F 148 -4.60 -2.30 -36.38
CA GLU F 148 -4.94 -3.38 -35.52
C GLU F 148 -3.96 -3.44 -34.35
N ILE F 149 -4.46 -3.55 -33.11
CA ILE F 149 -3.56 -3.72 -32.01
C ILE F 149 -3.74 -5.10 -31.32
N GLY F 150 -4.76 -5.84 -31.68
CA GLY F 150 -4.95 -7.18 -31.05
C GLY F 150 -6.05 -7.87 -31.73
N LYS F 151 -6.05 -9.19 -31.57
CA LYS F 151 -7.02 -10.08 -32.15
C LYS F 151 -7.32 -11.08 -31.05
N PHE F 152 -8.60 -11.39 -30.85
CA PHE F 152 -9.02 -12.21 -29.73
C PHE F 152 -10.04 -13.24 -30.17
N THR F 153 -9.85 -14.46 -29.69
CA THR F 153 -10.80 -15.49 -29.94
C THR F 153 -11.46 -15.96 -28.65
N VAL F 154 -12.78 -15.96 -28.62
CA VAL F 154 -13.50 -16.35 -27.38
C VAL F 154 -14.59 -17.33 -27.70
N THR F 155 -14.92 -18.13 -26.70
CA THR F 155 -15.98 -19.12 -26.78
C THR F 155 -17.02 -19.01 -25.63
N PRO F 156 -18.29 -18.76 -25.96
CA PRO F 156 -19.33 -18.77 -24.91
C PRO F 156 -19.50 -20.18 -24.34
N LYS F 157 -19.83 -20.27 -23.07
CA LYS F 157 -20.14 -21.53 -22.45
C LYS F 157 -21.63 -21.71 -22.25
N SER F 158 -22.43 -20.67 -22.49
CA SER F 158 -23.89 -20.76 -22.30
C SER F 158 -24.58 -20.18 -23.51
N SER F 159 -25.79 -20.67 -23.76
CA SER F 159 -26.56 -20.26 -24.92
C SER F 159 -27.30 -18.99 -24.57
N GLY F 160 -27.52 -18.15 -25.57
CA GLY F 160 -28.28 -16.91 -25.39
C GLY F 160 -27.57 -15.95 -24.44
N SER F 161 -26.24 -15.99 -24.47
CA SER F 161 -25.44 -15.16 -23.59
C SER F 161 -24.89 -13.96 -24.37
N MET F 162 -24.25 -13.07 -23.61
CA MET F 162 -23.55 -11.94 -24.13
C MET F 162 -22.17 -11.96 -23.55
N PHE F 163 -21.27 -11.25 -24.16
CA PHE F 163 -20.02 -10.91 -23.49
C PHE F 163 -20.07 -9.43 -23.16
N LEU F 164 -19.75 -9.12 -21.93
CA LEU F 164 -19.48 -7.80 -21.55
C LEU F 164 -18.03 -7.54 -21.89
N VAL F 165 -17.73 -6.51 -22.68
CA VAL F 165 -16.40 -6.29 -23.14
C VAL F 165 -15.86 -5.00 -22.61
N SER F 166 -14.60 -5.05 -22.17
CA SER F 166 -13.92 -3.85 -21.77
C SER F 166 -12.54 -3.77 -22.38
N ALA F 167 -12.27 -2.74 -23.17
CA ALA F 167 -10.94 -2.54 -23.72
C ALA F 167 -10.36 -1.29 -23.07
N ASP F 168 -9.25 -1.43 -22.36
CA ASP F 168 -8.61 -0.36 -21.61
C ASP F 168 -7.15 -0.22 -22.10
N ILE F 169 -6.96 0.76 -22.98
CA ILE F 169 -5.79 0.91 -23.77
C ILE F 169 -5.03 2.12 -23.36
N ILE F 170 -3.75 1.93 -23.04
CA ILE F 170 -2.86 3.08 -22.73
C ILE F 170 -2.35 3.64 -24.03
N ALA F 171 -2.56 4.93 -24.24
CA ALA F 171 -2.26 5.58 -25.49
C ALA F 171 -1.81 7.03 -25.29
N SER F 172 -0.89 7.48 -26.17
CA SER F 172 -0.43 8.87 -26.23
C SER F 172 -0.53 9.39 -27.65
N ARG F 173 -0.73 10.68 -27.80
CA ARG F 173 -0.59 11.32 -29.10
C ARG F 173 -0.46 12.77 -28.79
N MET F 174 0.16 13.48 -29.69
CA MET F 174 0.14 14.95 -29.65
C MET F 174 -1.33 15.39 -29.61
N GLU F 175 -1.60 16.38 -28.76
CA GLU F 175 -2.92 16.89 -28.40
C GLU F 175 -4.03 16.49 -29.38
N GLY F 176 -4.93 15.58 -28.99
CA GLY F 176 -6.05 15.26 -29.84
C GLY F 176 -6.79 13.99 -29.46
N GLY F 177 -7.66 13.58 -30.38
CA GLY F 177 -8.61 12.51 -30.13
C GLY F 177 -8.12 11.20 -30.60
N VAL F 178 -8.48 10.14 -29.83
CA VAL F 178 -8.18 8.80 -30.14
C VAL F 178 -9.51 8.08 -30.46
N VAL F 179 -9.46 7.16 -31.44
CA VAL F 179 -10.64 6.40 -31.77
C VAL F 179 -10.31 4.91 -31.58
N LEU F 180 -11.26 4.14 -31.07
CA LEU F 180 -11.07 2.73 -30.91
C LEU F 180 -12.22 2.05 -31.57
N ALA F 181 -11.98 0.95 -32.23
CA ALA F 181 -13.05 0.24 -32.95
C ALA F 181 -12.86 -1.23 -32.71
N LEU F 182 -13.90 -1.88 -32.19
CA LEU F 182 -13.90 -3.37 -32.10
C LEU F 182 -14.61 -3.97 -33.31
N VAL F 183 -14.01 -4.97 -33.94
CA VAL F 183 -14.51 -5.52 -35.22
C VAL F 183 -14.69 -7.00 -35.05
N ARG F 184 -15.81 -7.52 -35.50
CA ARG F 184 -16.10 -8.93 -35.40
C ARG F 184 -15.76 -9.54 -36.75
N GLU F 185 -14.99 -10.60 -36.73
CA GLU F 185 -14.47 -11.21 -37.94
C GLU F 185 -15.62 -11.63 -38.81
N GLY F 186 -15.53 -11.29 -40.09
CA GLY F 186 -16.59 -11.63 -41.05
C GLY F 186 -17.54 -10.47 -41.31
N ASP F 187 -17.56 -9.46 -40.43
CA ASP F 187 -18.40 -8.30 -40.66
C ASP F 187 -17.65 -7.43 -41.58
N SER F 188 -18.26 -6.39 -42.17
CA SER F 188 -17.55 -5.49 -43.02
C SER F 188 -17.35 -4.10 -42.41
N LYS F 189 -17.70 -3.95 -41.13
CA LYS F 189 -17.41 -2.71 -40.42
C LYS F 189 -17.42 -2.95 -38.91
N PRO F 190 -17.02 -1.94 -38.12
CA PRO F 190 -16.92 -2.15 -36.67
C PRO F 190 -18.22 -2.50 -35.97
N TYR F 191 -18.11 -3.37 -34.99
CA TYR F 191 -19.21 -3.67 -34.11
C TYR F 191 -19.50 -2.51 -33.11
N ALA F 192 -18.46 -1.76 -32.71
CA ALA F 192 -18.54 -0.77 -31.65
C ALA F 192 -17.33 0.12 -31.74
N ILE F 193 -17.55 1.36 -31.41
CA ILE F 193 -16.64 2.47 -31.66
C ILE F 193 -16.67 3.37 -30.44
N SER F 194 -15.50 3.71 -29.93
CA SER F 194 -15.41 4.52 -28.73
C SER F 194 -14.31 5.56 -28.97
N TYR F 195 -14.21 6.51 -28.06
CA TYR F 195 -13.34 7.68 -28.24
C TYR F 195 -12.56 7.95 -26.97
N GLY F 196 -11.32 8.36 -27.14
CA GLY F 196 -10.44 8.67 -26.02
C GLY F 196 -9.66 9.92 -26.33
N TYR F 197 -8.74 10.26 -25.44
CA TYR F 197 -8.07 11.57 -25.50
C TYR F 197 -6.65 11.49 -24.98
N SER F 198 -5.72 12.18 -25.64
CA SER F 198 -4.42 12.42 -25.03
C SER F 198 -3.96 13.79 -25.26
N SER F 199 -3.36 14.36 -24.22
CA SER F 199 -2.88 15.75 -24.29
C SER F 199 -1.46 15.76 -24.84
N GLY F 200 -0.89 14.59 -25.05
CA GLY F 200 0.54 14.47 -25.18
C GLY F 200 1.06 13.38 -24.29
N VAL F 201 0.54 13.26 -23.08
CA VAL F 201 1.05 12.26 -22.13
C VAL F 201 0.09 11.07 -22.13
N PRO F 202 0.59 9.91 -21.75
CA PRO F 202 -0.26 8.71 -21.81
C PRO F 202 -1.53 8.83 -20.99
N ASN F 203 -2.59 8.22 -21.49
CA ASN F 203 -3.86 8.26 -20.88
C ASN F 203 -4.56 6.97 -21.22
N LEU F 204 -5.47 6.53 -20.37
CA LEU F 204 -6.26 5.36 -20.68
C LEU F 204 -7.41 5.77 -21.69
N CYS F 205 -7.59 5.00 -22.74
CA CYS F 205 -8.65 5.17 -23.72
C CYS F 205 -9.45 3.91 -23.68
N SER F 206 -10.75 4.02 -23.51
CA SER F 206 -11.57 2.84 -23.31
C SER F 206 -12.67 2.70 -24.31
N LEU F 207 -13.06 1.46 -24.49
CA LEU F 207 -14.22 1.04 -25.25
C LEU F 207 -14.95 0.01 -24.38
N ARG F 208 -16.25 0.22 -24.21
CA ARG F 208 -17.09 -0.65 -23.39
C ARG F 208 -18.31 -0.97 -24.18
N THR F 209 -18.63 -2.24 -24.30
CA THR F 209 -19.73 -2.66 -25.07
C THR F 209 -20.18 -4.03 -24.60
N ARG F 210 -21.22 -4.55 -25.23
CA ARG F 210 -21.69 -5.93 -25.01
C ARG F 210 -21.83 -6.57 -26.36
N ILE F 211 -21.45 -7.83 -26.42
CA ILE F 211 -21.54 -8.59 -27.66
C ILE F 211 -22.62 -9.61 -27.48
N ILE F 212 -23.50 -9.71 -28.47
CA ILE F 212 -24.51 -10.78 -28.50
C ILE F 212 -23.91 -12.02 -29.15
N ASN F 213 -23.85 -13.12 -28.39
CA ASN F 213 -23.28 -14.37 -28.84
C ASN F 213 -24.30 -15.15 -29.65
N THR F 214 -23.81 -15.93 -30.62
CA THR F 214 -24.67 -16.59 -31.62
C THR F 214 -24.41 -18.06 -31.70
N GLY F 215 -23.89 -18.62 -30.62
CA GLY F 215 -23.73 -20.04 -30.48
C GLY F 215 -22.62 -20.31 -29.51
N LEU F 216 -22.04 -21.49 -29.60
CA LEU F 216 -21.04 -21.94 -28.65
C LEU F 216 -19.74 -22.19 -29.36
N THR F 217 -19.57 -21.57 -30.52
CA THR F 217 -18.39 -21.77 -31.37
C THR F 217 -17.39 -20.61 -31.10
N PRO F 218 -16.09 -20.89 -31.10
CA PRO F 218 -15.11 -19.82 -31.01
C PRO F 218 -15.40 -18.68 -32.00
N THR F 219 -15.27 -17.43 -31.57
CA THR F 219 -15.48 -16.26 -32.48
C THR F 219 -14.34 -15.30 -32.30
N THR F 220 -13.91 -14.65 -33.38
CA THR F 220 -12.78 -13.81 -33.34
C THR F 220 -13.12 -12.32 -33.48
N TYR F 221 -12.49 -11.50 -32.69
CA TYR F 221 -12.70 -10.07 -32.73
C TYR F 221 -11.35 -9.45 -32.78
N SER F 222 -11.30 -8.20 -33.22
CA SER F 222 -10.08 -7.52 -33.21
C SER F 222 -10.33 -6.08 -32.78
N LEU F 223 -9.30 -5.44 -32.26
CA LEU F 223 -9.37 -4.04 -31.90
C LEU F 223 -8.44 -3.24 -32.72
N ARG F 224 -8.92 -2.09 -33.19
CA ARG F 224 -8.13 -1.18 -33.95
C ARG F 224 -8.18 0.17 -33.31
N VAL F 225 -7.04 0.83 -33.33
CA VAL F 225 -6.89 2.16 -32.74
C VAL F 225 -6.22 3.11 -33.71
N GLY F 226 -6.61 4.38 -33.65
CA GLY F 226 -6.02 5.39 -34.46
C GLY F 226 -6.44 6.81 -34.09
N GLY F 227 -5.74 7.75 -34.66
CA GLY F 227 -6.19 9.14 -34.51
C GLY F 227 -7.57 9.48 -35.07
N LEU F 228 -8.25 10.44 -34.41
CA LEU F 228 -9.44 11.00 -34.89
C LEU F 228 -9.05 12.03 -35.96
N GLU F 229 -9.19 11.67 -37.23
CA GLU F 229 -8.96 12.58 -38.38
C GLU F 229 -7.48 12.78 -38.69
N SER F 230 -6.65 12.97 -37.69
CA SER F 230 -5.22 13.10 -37.92
C SER F 230 -4.43 12.75 -36.67
N GLY F 231 -3.12 12.58 -36.86
CA GLY F 231 -2.15 12.38 -35.81
C GLY F 231 -1.79 10.90 -35.72
N VAL F 232 -0.61 10.64 -35.19
CA VAL F 232 -0.15 9.29 -34.88
C VAL F 232 -0.48 8.97 -33.42
N VAL F 233 -0.86 7.73 -33.16
CA VAL F 233 -1.14 7.31 -31.81
C VAL F 233 -0.23 6.17 -31.49
N TRP F 234 0.41 6.25 -30.32
CA TRP F 234 1.20 5.16 -29.80
C TRP F 234 0.45 4.48 -28.68
N VAL F 235 0.32 3.17 -28.77
CA VAL F 235 -0.22 2.37 -27.75
C VAL F 235 0.94 1.84 -26.90
N ASN F 236 0.74 1.90 -25.56
CA ASN F 236 1.70 1.49 -24.55
C ASN F 236 3.04 2.19 -24.69
N ALA F 237 3.05 3.47 -25.06
CA ALA F 237 4.27 4.17 -25.18
C ALA F 237 3.95 5.69 -25.15
N LEU F 238 4.94 6.48 -24.92
CA LEU F 238 4.88 7.97 -24.99
C LEU F 238 4.59 8.35 -26.38
N SER F 239 4.32 9.64 -26.60
CA SER F 239 3.98 10.11 -27.95
C SER F 239 5.13 10.09 -28.98
N ASN F 240 6.35 9.91 -28.51
CA ASN F 240 7.52 9.75 -29.37
C ASN F 240 7.93 8.29 -29.49
N GLY F 241 7.13 7.35 -29.00
CA GLY F 241 7.46 5.91 -29.08
C GLY F 241 8.30 5.32 -27.99
N ASN F 242 8.86 6.15 -27.12
CA ASN F 242 9.66 5.61 -25.98
C ASN F 242 8.75 4.94 -24.91
N ASP F 243 9.34 4.07 -24.08
CA ASP F 243 8.68 3.43 -22.99
C ASP F 243 8.15 4.46 -21.98
N ILE F 244 6.95 4.24 -21.49
CA ILE F 244 6.43 5.09 -20.44
C ILE F 244 7.13 4.72 -19.13
N LEU F 245 7.73 5.71 -18.46
CA LEU F 245 8.41 5.48 -17.17
C LEU F 245 9.49 4.40 -17.23
N GLY F 246 9.94 4.07 -18.44
CA GLY F 246 11.04 3.15 -18.67
C GLY F 246 10.66 1.72 -18.45
N ILE F 247 9.37 1.38 -18.49
CA ILE F 247 8.93 -0.02 -18.26
C ILE F 247 8.02 -0.46 -19.38
N THR F 248 7.72 -1.75 -19.37
CA THR F 248 6.72 -2.30 -20.21
C THR F 248 5.36 -2.00 -19.57
N ASN F 249 4.40 -1.50 -20.34
CA ASN F 249 3.06 -1.23 -19.81
C ASN F 249 2.08 -2.21 -20.41
N THR F 250 0.92 -2.34 -19.77
CA THR F 250 -0.08 -3.33 -20.11
C THR F 250 -1.44 -2.67 -20.37
N SER F 251 -1.96 -2.87 -21.57
CA SER F 251 -3.32 -2.54 -21.90
C SER F 251 -4.03 -3.89 -21.79
N ASN F 252 -5.33 -3.87 -21.52
CA ASN F 252 -6.12 -5.07 -21.43
C ASN F 252 -7.42 -5.00 -22.23
N VAL F 253 -7.80 -6.12 -22.82
CA VAL F 253 -9.13 -6.33 -23.34
C VAL F 253 -9.76 -7.56 -22.68
N SER F 254 -10.90 -7.38 -22.02
CA SER F 254 -11.51 -8.54 -21.28
C SER F 254 -12.89 -8.80 -21.83
N PHE F 255 -13.28 -10.04 -21.78
CA PHE F 255 -14.59 -10.50 -22.18
C PHE F 255 -15.19 -11.28 -21.02
N LEU F 256 -16.33 -10.85 -20.53
CA LEU F 256 -16.97 -11.54 -19.40
C LEU F 256 -18.33 -11.99 -19.91
N GLU F 257 -18.57 -13.28 -19.84
CA GLU F 257 -19.83 -13.82 -20.26
C GLU F 257 -20.91 -13.53 -19.20
N VAL F 258 -22.03 -13.00 -19.67
CA VAL F 258 -23.17 -12.68 -18.80
C VAL F 258 -24.45 -13.10 -19.54
N ILE F 259 -25.52 -13.27 -18.77
CA ILE F 259 -26.79 -13.74 -19.29
C ILE F 259 -27.83 -12.62 -19.13
N PRO F 260 -28.32 -12.07 -20.25
CA PRO F 260 -29.33 -11.03 -20.14
C PRO F 260 -30.66 -11.50 -19.58
N GLN F 261 -31.44 -10.57 -19.05
N GLN F 261 -31.44 -10.57 -19.01
CA GLN F 261 -32.76 -10.88 -18.49
CA GLN F 261 -32.80 -10.91 -18.50
C GLN F 261 -33.95 -10.55 -19.40
C GLN F 261 -33.94 -10.56 -19.48
N THR F 262 -34.29 -9.27 -19.57
CA THR F 262 -35.36 -8.80 -20.49
C THR F 262 -35.33 -7.27 -20.65
#